data_1ZZG
#
_entry.id   1ZZG
#
_cell.length_a   108.648
_cell.length_b   131.950
_cell.length_c   64.709
_cell.angle_alpha   90.00
_cell.angle_beta   90.00
_cell.angle_gamma   90.00
#
_symmetry.space_group_name_H-M   'P 21 21 2'
#
loop_
_entity.id
_entity.type
_entity.pdbx_description
1 polymer 'glucose-6-phosphate isomerase'
2 water water
#
_entity_poly.entity_id   1
_entity_poly.type   'polypeptide(L)'
_entity_poly.pdbx_seq_one_letter_code
;MLRLDTRFLPGFPEALSRHGPLLEEARRRLLAKRGEPGSMLGWMDLPEDTETLREVRRYREANPWVEDFVLIGIGGSALG
PKALEAAFNESGVRFHYLDHVEPEPILRLLRTLDPRKTLVNAVSKSGSTAETLAGLAVFLKWLKAHLGEDWRRHLVVTTD
PKEGPLRAFAEREGLKAFAIPKEVGGRFSALSPVGLLPLAFAGADLDALLMGARKANETALAPLEESLPLKTALLLHLHR
HLPVHVFMVYSERLSHLPSWFVQLHDESLGKVDRQGQRVGTTAVPALGPKDQHAQVQLFREGPLDKLLALVIPEAPLEDV
EIPEVEGLEAASYLFGKTLFQLLKAEAEATYEALAEAGQRVYALFLPEVSPYAVGWLMQHLMWQTAFLGELWEVNAFDQP
GVELGKVLTRKRLAG
;
_entity_poly.pdbx_strand_id   A,B
#
# COMPACT_ATOMS: atom_id res chain seq x y z
N MET A 1 -1.18 -19.23 -19.19
CA MET A 1 -0.77 -20.33 -18.27
C MET A 1 0.14 -19.85 -17.15
N LEU A 2 -0.35 -19.98 -15.92
CA LEU A 2 0.41 -19.59 -14.74
C LEU A 2 1.54 -20.61 -14.60
N ARG A 3 2.72 -20.17 -14.17
CA ARG A 3 3.85 -21.09 -13.99
C ARG A 3 4.49 -20.94 -12.62
N LEU A 4 4.67 -22.06 -11.93
CA LEU A 4 5.29 -22.05 -10.61
C LEU A 4 6.77 -22.40 -10.75
N ASP A 5 7.62 -21.58 -10.17
CA ASP A 5 9.07 -21.79 -10.21
C ASP A 5 9.62 -21.97 -8.79
N THR A 6 10.23 -23.12 -8.54
CA THR A 6 10.80 -23.41 -7.23
C THR A 6 12.30 -23.73 -7.35
N ARG A 7 12.94 -23.14 -8.35
CA ARG A 7 14.36 -23.38 -8.61
C ARG A 7 15.25 -23.27 -7.37
N PHE A 8 14.86 -22.42 -6.41
CA PHE A 8 15.67 -22.25 -5.20
C PHE A 8 15.16 -23.03 -4.00
N LEU A 9 14.31 -24.01 -4.28
CA LEU A 9 13.75 -24.89 -3.25
C LEU A 9 13.90 -26.30 -3.83
N PRO A 10 15.15 -26.81 -3.86
CA PRO A 10 15.48 -28.13 -4.39
C PRO A 10 14.74 -29.33 -3.79
N GLY A 11 14.32 -29.21 -2.53
CA GLY A 11 13.63 -30.33 -1.91
C GLY A 11 12.11 -30.36 -2.10
N PHE A 12 11.59 -29.45 -2.92
CA PHE A 12 10.14 -29.40 -3.14
C PHE A 12 9.50 -30.61 -3.82
N PRO A 13 10.12 -31.14 -4.89
CA PRO A 13 9.54 -32.30 -5.56
C PRO A 13 9.34 -33.47 -4.59
N GLU A 14 10.27 -33.64 -3.66
CA GLU A 14 10.16 -34.73 -2.70
C GLU A 14 9.09 -34.43 -1.66
N ALA A 15 8.98 -33.16 -1.29
CA ALA A 15 8.02 -32.75 -0.29
C ALA A 15 6.60 -32.86 -0.84
N LEU A 16 6.43 -32.54 -2.12
CA LEU A 16 5.13 -32.63 -2.76
C LEU A 16 4.70 -34.08 -2.74
N SER A 17 5.60 -34.96 -3.17
CA SER A 17 5.33 -36.39 -3.20
C SER A 17 4.98 -36.89 -1.80
N ARG A 18 5.81 -36.57 -0.81
CA ARG A 18 5.58 -37.02 0.56
C ARG A 18 4.28 -36.50 1.18
N HIS A 19 3.88 -35.30 0.80
CA HIS A 19 2.65 -34.72 1.34
C HIS A 19 1.45 -34.91 0.40
N GLY A 20 1.66 -35.71 -0.64
CA GLY A 20 0.60 -35.96 -1.61
C GLY A 20 -0.74 -36.32 -0.98
N PRO A 21 -0.80 -37.36 -0.14
CA PRO A 21 -2.03 -37.80 0.53
C PRO A 21 -2.70 -36.68 1.35
N LEU A 22 -1.87 -35.91 2.05
CA LEU A 22 -2.36 -34.82 2.89
C LEU A 22 -3.06 -33.77 2.03
N LEU A 23 -2.43 -33.42 0.91
CA LEU A 23 -2.99 -32.42 0.00
C LEU A 23 -4.28 -32.95 -0.65
N GLU A 24 -4.28 -34.22 -1.04
CA GLU A 24 -5.47 -34.82 -1.67
C GLU A 24 -6.65 -34.79 -0.72
N GLU A 25 -6.40 -35.07 0.54
CA GLU A 25 -7.47 -35.06 1.56
C GLU A 25 -7.96 -33.64 1.82
N ALA A 26 -7.05 -32.67 1.82
CA ALA A 26 -7.44 -31.29 2.04
C ALA A 26 -8.41 -30.88 0.92
N ARG A 27 -8.06 -31.25 -0.32
CA ARG A 27 -8.92 -30.92 -1.47
C ARG A 27 -10.28 -31.63 -1.37
N ARG A 28 -10.26 -32.92 -1.02
CA ARG A 28 -11.50 -33.67 -0.89
C ARG A 28 -12.42 -33.02 0.16
N ARG A 29 -11.86 -32.68 1.30
CA ARG A 29 -12.63 -32.04 2.37
C ARG A 29 -13.30 -30.77 1.89
N LEU A 30 -12.58 -29.98 1.11
CA LEU A 30 -13.12 -28.72 0.59
C LEU A 30 -14.26 -28.97 -0.39
N LEU A 31 -14.01 -29.85 -1.36
CA LEU A 31 -15.03 -30.16 -2.36
C LEU A 31 -16.27 -30.84 -1.77
N ALA A 32 -16.08 -31.59 -0.70
CA ALA A 32 -17.21 -32.26 -0.06
C ALA A 32 -18.17 -31.24 0.54
N LYS A 33 -17.66 -30.06 0.85
CA LYS A 33 -18.48 -29.01 1.46
C LYS A 33 -19.38 -28.27 0.48
N ARG A 34 -19.17 -28.45 -0.81
CA ARG A 34 -19.97 -27.78 -1.83
C ARG A 34 -21.41 -28.29 -1.83
N GLY A 35 -22.33 -27.45 -2.31
CA GLY A 35 -23.73 -27.85 -2.34
C GLY A 35 -24.42 -27.51 -1.04
N GLU A 36 -23.78 -27.88 0.07
CA GLU A 36 -24.32 -27.61 1.40
C GLU A 36 -24.50 -26.12 1.62
N PRO A 37 -25.75 -25.67 1.79
CA PRO A 37 -26.02 -24.25 2.01
C PRO A 37 -25.17 -23.68 3.14
N GLY A 38 -24.65 -22.47 2.94
CA GLY A 38 -23.83 -21.83 3.96
C GLY A 38 -22.37 -22.22 3.97
N SER A 39 -21.90 -22.93 2.95
CA SER A 39 -20.50 -23.33 2.91
C SER A 39 -19.61 -22.19 2.42
N MET A 40 -20.24 -21.15 1.89
CA MET A 40 -19.52 -19.96 1.40
C MET A 40 -18.49 -20.27 0.31
N LEU A 41 -18.79 -21.23 -0.54
CA LEU A 41 -17.89 -21.62 -1.63
C LEU A 41 -18.37 -21.15 -3.00
N GLY A 42 -19.31 -20.20 -3.01
CA GLY A 42 -19.84 -19.68 -4.27
C GLY A 42 -18.81 -19.05 -5.19
N TRP A 43 -17.66 -18.67 -4.66
CA TRP A 43 -16.61 -18.06 -5.48
C TRP A 43 -16.06 -19.02 -6.52
N MET A 44 -16.31 -20.32 -6.34
CA MET A 44 -15.84 -21.31 -7.31
C MET A 44 -16.70 -21.25 -8.56
N ASP A 45 -17.95 -20.83 -8.38
CA ASP A 45 -18.91 -20.78 -9.49
C ASP A 45 -19.01 -19.47 -10.27
N LEU A 46 -18.51 -18.38 -9.70
CA LEU A 46 -18.56 -17.09 -10.36
C LEU A 46 -18.00 -17.11 -11.79
N PRO A 47 -16.92 -17.86 -12.05
CA PRO A 47 -16.37 -17.90 -13.40
C PRO A 47 -17.31 -18.51 -14.43
N GLU A 48 -18.29 -19.28 -13.97
CA GLU A 48 -19.23 -19.93 -14.87
C GLU A 48 -20.56 -19.18 -15.04
N ASP A 49 -20.63 -17.98 -14.48
CA ASP A 49 -21.85 -17.20 -14.60
C ASP A 49 -21.73 -16.37 -15.89
N THR A 50 -22.19 -16.93 -17.00
CA THR A 50 -22.11 -16.23 -18.29
C THR A 50 -23.36 -15.42 -18.59
N GLU A 51 -24.11 -15.08 -17.55
CA GLU A 51 -25.34 -14.31 -17.70
C GLU A 51 -25.16 -12.95 -17.04
N THR A 52 -24.62 -12.95 -15.83
CA THR A 52 -24.41 -11.71 -15.08
C THR A 52 -23.49 -10.72 -15.77
N LEU A 53 -22.39 -11.17 -16.35
CA LEU A 53 -21.48 -10.23 -17.00
C LEU A 53 -22.15 -9.55 -18.20
N ARG A 54 -23.07 -10.24 -18.86
CA ARG A 54 -23.77 -9.63 -19.99
C ARG A 54 -24.68 -8.54 -19.46
N GLU A 55 -25.36 -8.84 -18.35
CA GLU A 55 -26.25 -7.88 -17.70
C GLU A 55 -25.45 -6.65 -17.26
N VAL A 56 -24.22 -6.89 -16.80
CA VAL A 56 -23.35 -5.79 -16.37
C VAL A 56 -22.97 -4.95 -17.59
N ARG A 57 -22.56 -5.61 -18.67
CA ARG A 57 -22.17 -4.89 -19.89
C ARG A 57 -23.34 -4.05 -20.44
N ARG A 58 -24.52 -4.63 -20.51
CA ARG A 58 -25.66 -3.90 -21.04
C ARG A 58 -25.97 -2.66 -20.21
N TYR A 59 -25.83 -2.78 -18.88
CA TYR A 59 -26.08 -1.65 -18.00
C TYR A 59 -25.06 -0.55 -18.26
N ARG A 60 -23.80 -0.94 -18.42
CA ARG A 60 -22.73 0.02 -18.67
C ARG A 60 -22.96 0.76 -19.97
N GLU A 61 -23.25 0.00 -21.02
CA GLU A 61 -23.50 0.56 -22.34
C GLU A 61 -24.67 1.53 -22.36
N ALA A 62 -25.63 1.32 -21.48
CA ALA A 62 -26.80 2.20 -21.41
C ALA A 62 -26.48 3.49 -20.66
N ASN A 63 -25.27 3.57 -20.10
CA ASN A 63 -24.86 4.75 -19.36
C ASN A 63 -23.48 5.27 -19.78
N PRO A 64 -23.34 5.67 -21.04
CA PRO A 64 -22.08 6.18 -21.60
C PRO A 64 -21.73 7.59 -21.11
N TRP A 65 -22.61 8.17 -20.30
CA TRP A 65 -22.39 9.52 -19.76
C TRP A 65 -21.46 9.57 -18.55
N VAL A 66 -21.19 8.42 -17.94
CA VAL A 66 -20.34 8.38 -16.76
C VAL A 66 -18.87 8.68 -17.04
N GLU A 67 -18.34 9.69 -16.34
CA GLU A 67 -16.93 10.08 -16.45
C GLU A 67 -16.24 9.82 -15.12
N ASP A 68 -17.03 9.78 -14.05
CA ASP A 68 -16.51 9.54 -12.72
C ASP A 68 -17.33 8.46 -12.04
N PHE A 69 -16.65 7.42 -11.56
CA PHE A 69 -17.30 6.30 -10.89
C PHE A 69 -16.87 6.32 -9.42
N VAL A 70 -17.81 6.61 -8.53
CA VAL A 70 -17.50 6.66 -7.10
C VAL A 70 -17.95 5.36 -6.43
N LEU A 71 -16.99 4.53 -6.05
CA LEU A 71 -17.34 3.27 -5.40
C LEU A 71 -17.29 3.44 -3.90
N ILE A 72 -18.45 3.38 -3.25
CA ILE A 72 -18.52 3.51 -1.80
C ILE A 72 -18.54 2.08 -1.27
N GLY A 73 -17.40 1.64 -0.76
CA GLY A 73 -17.31 0.29 -0.23
C GLY A 73 -15.98 0.10 0.46
N ILE A 74 -15.89 -0.93 1.29
CA ILE A 74 -14.67 -1.14 2.05
C ILE A 74 -14.32 -2.62 2.17
N GLY A 75 -13.04 -2.91 2.36
CA GLY A 75 -12.61 -4.30 2.49
C GLY A 75 -12.90 -5.12 1.24
N GLY A 76 -13.70 -6.17 1.40
CA GLY A 76 -14.02 -7.03 0.27
C GLY A 76 -14.77 -6.32 -0.84
N SER A 77 -15.41 -5.20 -0.52
CA SER A 77 -16.16 -4.46 -1.52
C SER A 77 -15.33 -3.37 -2.20
N ALA A 78 -14.05 -3.28 -1.85
CA ALA A 78 -13.19 -2.27 -2.44
C ALA A 78 -11.85 -2.78 -2.98
N LEU A 79 -11.20 -3.68 -2.24
CA LEU A 79 -9.90 -4.18 -2.66
C LEU A 79 -9.88 -4.88 -4.01
N GLY A 80 -10.84 -5.77 -4.25
CA GLY A 80 -10.90 -6.46 -5.53
C GLY A 80 -11.07 -5.44 -6.63
N PRO A 81 -12.06 -4.53 -6.50
CA PRO A 81 -12.26 -3.51 -7.54
C PRO A 81 -10.98 -2.68 -7.78
N LYS A 82 -10.34 -2.20 -6.71
CA LYS A 82 -9.12 -1.39 -6.87
C LYS A 82 -8.04 -2.15 -7.63
N ALA A 83 -7.80 -3.39 -7.24
CA ALA A 83 -6.77 -4.20 -7.88
C ALA A 83 -7.03 -4.37 -9.39
N LEU A 84 -8.28 -4.63 -9.75
CA LEU A 84 -8.66 -4.85 -11.15
C LEU A 84 -8.72 -3.57 -12.00
N GLU A 85 -9.37 -2.54 -11.48
CA GLU A 85 -9.50 -1.28 -12.20
C GLU A 85 -8.15 -0.61 -12.44
N ALA A 86 -7.25 -0.68 -11.47
CA ALA A 86 -5.94 -0.06 -11.60
C ALA A 86 -5.15 -0.75 -12.71
N ALA A 87 -5.36 -2.04 -12.87
CA ALA A 87 -4.63 -2.81 -13.87
C ALA A 87 -5.24 -2.79 -15.27
N PHE A 88 -6.56 -2.61 -15.36
CA PHE A 88 -7.19 -2.68 -16.67
C PHE A 88 -8.07 -1.51 -17.10
N ASN A 89 -7.83 -0.32 -16.56
CA ASN A 89 -8.65 0.81 -16.97
C ASN A 89 -8.25 1.22 -18.39
N GLU A 90 -9.16 1.04 -19.34
CA GLU A 90 -8.91 1.38 -20.73
C GLU A 90 -9.73 2.58 -21.17
N SER A 91 -10.87 2.79 -20.51
CA SER A 91 -11.80 3.87 -20.86
C SER A 91 -11.42 5.27 -20.43
N GLY A 92 -10.64 5.40 -19.37
CA GLY A 92 -10.29 6.73 -18.92
C GLY A 92 -11.27 7.25 -17.88
N VAL A 93 -12.31 6.47 -17.60
CA VAL A 93 -13.28 6.87 -16.59
C VAL A 93 -12.46 7.00 -15.30
N ARG A 94 -12.73 8.03 -14.51
CA ARG A 94 -12.00 8.26 -13.26
C ARG A 94 -12.70 7.58 -12.10
N PHE A 95 -11.98 6.74 -11.37
CA PHE A 95 -12.55 6.04 -10.23
C PHE A 95 -12.13 6.67 -8.91
N HIS A 96 -13.09 6.73 -7.99
CA HIS A 96 -12.88 7.32 -6.68
C HIS A 96 -13.41 6.31 -5.67
N TYR A 97 -12.58 5.95 -4.70
CA TYR A 97 -12.95 4.93 -3.73
C TYR A 97 -13.19 5.45 -2.33
N LEU A 98 -14.43 5.34 -1.86
CA LEU A 98 -14.76 5.76 -0.51
C LEU A 98 -14.66 4.52 0.38
N ASP A 99 -13.42 4.19 0.73
CA ASP A 99 -13.10 3.04 1.59
C ASP A 99 -12.56 3.62 2.90
N HIS A 100 -13.16 4.72 3.31
CA HIS A 100 -12.75 5.41 4.53
C HIS A 100 -13.84 6.42 4.87
N VAL A 101 -13.71 7.07 6.02
CA VAL A 101 -14.70 8.07 6.42
C VAL A 101 -14.07 9.39 6.87
N GLU A 102 -12.84 9.66 6.45
CA GLU A 102 -12.18 10.91 6.80
C GLU A 102 -12.89 11.99 5.99
N PRO A 103 -13.40 13.04 6.67
CA PRO A 103 -14.12 14.14 6.03
C PRO A 103 -13.53 14.94 4.89
N GLU A 104 -12.28 15.39 5.01
CA GLU A 104 -11.69 16.22 3.97
C GLU A 104 -11.64 15.62 2.56
N PRO A 105 -11.13 14.38 2.42
CA PRO A 105 -11.07 13.77 1.07
C PRO A 105 -12.46 13.67 0.42
N ILE A 106 -13.46 13.36 1.24
CA ILE A 106 -14.81 13.24 0.73
C ILE A 106 -15.37 14.61 0.33
N LEU A 107 -15.06 15.61 1.15
CA LEU A 107 -15.50 16.98 0.89
C LEU A 107 -14.87 17.48 -0.41
N ARG A 108 -13.63 17.05 -0.66
CA ARG A 108 -12.91 17.43 -1.87
C ARG A 108 -13.66 16.89 -3.08
N LEU A 109 -14.09 15.63 -3.00
CA LEU A 109 -14.82 14.98 -4.07
C LEU A 109 -16.16 15.69 -4.29
N LEU A 110 -16.86 15.99 -3.21
CA LEU A 110 -18.15 16.67 -3.33
C LEU A 110 -18.01 18.04 -4.01
N ARG A 111 -16.85 18.66 -3.82
CA ARG A 111 -16.60 19.98 -4.40
C ARG A 111 -15.94 19.98 -5.78
N THR A 112 -15.39 18.85 -6.22
CA THR A 112 -14.73 18.80 -7.52
C THR A 112 -15.43 17.95 -8.59
N LEU A 113 -16.26 17.01 -8.17
CA LEU A 113 -16.95 16.16 -9.13
C LEU A 113 -18.20 16.84 -9.69
N ASP A 114 -18.48 16.57 -10.97
CA ASP A 114 -19.68 17.11 -11.61
C ASP A 114 -20.75 16.05 -11.40
N PRO A 115 -21.79 16.34 -10.60
CA PRO A 115 -22.87 15.38 -10.33
C PRO A 115 -23.42 14.74 -11.61
N ARG A 116 -23.59 15.56 -12.64
CA ARG A 116 -24.15 15.08 -13.90
C ARG A 116 -23.29 14.02 -14.59
N LYS A 117 -22.01 13.97 -14.24
CA LYS A 117 -21.08 13.00 -14.84
C LYS A 117 -20.64 11.94 -13.85
N THR A 118 -21.28 11.91 -12.68
CA THR A 118 -20.91 10.98 -11.63
C THR A 118 -21.89 9.84 -11.39
N LEU A 119 -21.37 8.61 -11.30
CA LEU A 119 -22.19 7.45 -10.99
C LEU A 119 -21.69 6.94 -9.64
N VAL A 120 -22.61 6.74 -8.71
CA VAL A 120 -22.25 6.25 -7.39
C VAL A 120 -22.66 4.79 -7.26
N ASN A 121 -21.73 3.95 -6.80
CA ASN A 121 -21.98 2.53 -6.64
C ASN A 121 -21.76 2.15 -5.17
N ALA A 122 -22.86 1.89 -4.46
CA ALA A 122 -22.79 1.51 -3.06
C ALA A 122 -22.64 -0.01 -3.01
N VAL A 123 -21.51 -0.48 -2.52
CA VAL A 123 -21.23 -1.90 -2.45
C VAL A 123 -21.04 -2.43 -1.03
N SER A 124 -21.84 -3.43 -0.67
CA SER A 124 -21.78 -4.06 0.65
C SER A 124 -22.57 -5.36 0.62
N LYS A 125 -21.94 -6.46 1.02
CA LYS A 125 -22.62 -7.76 1.02
C LYS A 125 -23.76 -7.77 2.03
N SER A 126 -23.45 -7.41 3.28
CA SER A 126 -24.45 -7.39 4.35
C SER A 126 -25.38 -6.19 4.13
N GLY A 127 -24.84 -5.16 3.49
CA GLY A 127 -25.62 -3.96 3.24
C GLY A 127 -25.67 -3.05 4.44
N SER A 128 -25.04 -3.44 5.54
CA SER A 128 -25.06 -2.62 6.74
C SER A 128 -23.69 -2.15 7.23
N THR A 129 -22.65 -2.33 6.43
CA THR A 129 -21.31 -1.90 6.85
C THR A 129 -21.32 -0.41 7.18
N ALA A 130 -20.95 -0.09 8.43
CA ALA A 130 -20.97 1.28 8.91
C ALA A 130 -20.36 2.34 7.99
N GLU A 131 -19.11 2.15 7.60
CA GLU A 131 -18.41 3.12 6.75
C GLU A 131 -19.14 3.43 5.45
N THR A 132 -19.69 2.38 4.84
CA THR A 132 -20.41 2.49 3.58
C THR A 132 -21.76 3.20 3.72
N LEU A 133 -22.45 2.95 4.83
CA LEU A 133 -23.74 3.60 5.05
C LEU A 133 -23.50 5.09 5.28
N ALA A 134 -22.43 5.42 5.99
CA ALA A 134 -22.10 6.81 6.26
C ALA A 134 -21.75 7.54 4.96
N GLY A 135 -20.89 6.92 4.16
CA GLY A 135 -20.50 7.52 2.90
C GLY A 135 -21.69 7.68 1.96
N LEU A 136 -22.59 6.69 1.97
CA LEU A 136 -23.76 6.75 1.11
C LEU A 136 -24.71 7.86 1.54
N ALA A 137 -24.88 8.04 2.85
CA ALA A 137 -25.78 9.07 3.36
C ALA A 137 -25.33 10.42 2.82
N VAL A 138 -24.03 10.68 2.94
CA VAL A 138 -23.45 11.93 2.48
C VAL A 138 -23.63 12.14 0.98
N PHE A 139 -23.31 11.13 0.18
CA PHE A 139 -23.47 11.28 -1.27
C PHE A 139 -24.94 11.40 -1.69
N LEU A 140 -25.83 10.71 -0.97
CA LEU A 140 -27.24 10.77 -1.31
C LEU A 140 -27.74 12.21 -1.28
N LYS A 141 -27.40 12.93 -0.20
CA LYS A 141 -27.79 14.33 -0.04
C LYS A 141 -27.27 15.13 -1.23
N TRP A 142 -26.01 14.88 -1.58
CA TRP A 142 -25.34 15.56 -2.68
C TRP A 142 -26.05 15.30 -4.00
N LEU A 143 -26.34 14.03 -4.28
CA LEU A 143 -27.01 13.67 -5.52
C LEU A 143 -28.38 14.31 -5.67
N LYS A 144 -29.19 14.23 -4.63
CA LYS A 144 -30.53 14.81 -4.65
C LYS A 144 -30.51 16.33 -4.86
N ALA A 145 -29.60 17.00 -4.15
CA ALA A 145 -29.51 18.46 -4.25
C ALA A 145 -29.07 19.02 -5.60
N HIS A 146 -28.22 18.29 -6.31
CA HIS A 146 -27.74 18.77 -7.60
C HIS A 146 -28.35 18.11 -8.84
N LEU A 147 -29.07 17.02 -8.65
CA LEU A 147 -29.67 16.31 -9.79
C LEU A 147 -31.19 16.25 -9.80
N GLY A 148 -31.82 16.60 -8.69
CA GLY A 148 -33.27 16.56 -8.62
C GLY A 148 -33.84 15.16 -8.82
N GLU A 149 -34.87 15.05 -9.65
CA GLU A 149 -35.53 13.78 -9.92
C GLU A 149 -34.65 12.77 -10.65
N ASP A 150 -33.55 13.22 -11.21
CA ASP A 150 -32.67 12.33 -11.94
C ASP A 150 -31.58 11.70 -11.08
N TRP A 151 -31.67 11.88 -9.75
CA TRP A 151 -30.66 11.32 -8.87
C TRP A 151 -30.61 9.79 -8.90
N ARG A 152 -31.78 9.16 -8.93
CA ARG A 152 -31.84 7.70 -8.94
C ARG A 152 -30.99 7.02 -10.00
N ARG A 153 -30.85 7.66 -11.17
CA ARG A 153 -30.06 7.07 -12.24
C ARG A 153 -28.57 7.10 -11.91
N HIS A 154 -28.18 7.96 -10.99
CA HIS A 154 -26.77 8.11 -10.63
C HIS A 154 -26.34 7.25 -9.43
N LEU A 155 -27.24 6.41 -8.93
CA LEU A 155 -26.92 5.54 -7.80
C LEU A 155 -27.27 4.09 -8.13
N VAL A 156 -26.26 3.23 -8.10
CA VAL A 156 -26.44 1.82 -8.37
C VAL A 156 -25.94 1.04 -7.16
N VAL A 157 -26.67 0.00 -6.77
CA VAL A 157 -26.32 -0.79 -5.59
C VAL A 157 -25.88 -2.22 -5.90
N THR A 158 -24.87 -2.69 -5.15
CA THR A 158 -24.36 -4.05 -5.29
C THR A 158 -24.41 -4.63 -3.88
N THR A 159 -25.31 -5.59 -3.66
CA THR A 159 -25.49 -6.17 -2.33
C THR A 159 -26.18 -7.53 -2.41
N ASP A 160 -26.37 -8.18 -1.25
CA ASP A 160 -27.04 -9.48 -1.21
C ASP A 160 -28.35 -9.37 -1.99
N PRO A 161 -28.75 -10.45 -2.68
CA PRO A 161 -30.00 -10.39 -3.44
C PRO A 161 -31.27 -10.22 -2.61
N LYS A 162 -31.24 -10.61 -1.34
CA LYS A 162 -32.43 -10.53 -0.50
C LYS A 162 -32.27 -9.92 0.90
N GLU A 163 -31.08 -10.01 1.49
CA GLU A 163 -30.87 -9.48 2.85
C GLU A 163 -30.24 -8.09 2.93
N GLY A 164 -30.39 -7.46 4.09
CA GLY A 164 -29.78 -6.16 4.33
C GLY A 164 -30.54 -4.89 3.95
N PRO A 165 -30.16 -3.76 4.57
CA PRO A 165 -30.78 -2.46 4.31
C PRO A 165 -30.55 -1.88 2.92
N LEU A 166 -29.41 -2.21 2.30
CA LEU A 166 -29.12 -1.70 0.96
C LEU A 166 -30.06 -2.31 -0.06
N ARG A 167 -30.35 -3.60 0.10
CA ARG A 167 -31.25 -4.28 -0.81
C ARG A 167 -32.64 -3.66 -0.68
N ALA A 168 -33.08 -3.45 0.54
CA ALA A 168 -34.39 -2.87 0.81
C ALA A 168 -34.48 -1.44 0.25
N PHE A 169 -33.42 -0.67 0.45
CA PHE A 169 -33.35 0.71 -0.03
C PHE A 169 -33.42 0.79 -1.56
N ALA A 170 -32.73 -0.13 -2.22
CA ALA A 170 -32.71 -0.16 -3.67
C ALA A 170 -34.10 -0.48 -4.22
N GLU A 171 -34.80 -1.41 -3.57
CA GLU A 171 -36.13 -1.80 -4.03
C GLU A 171 -37.15 -0.69 -3.75
N ARG A 172 -37.00 -0.02 -2.61
CA ARG A 172 -37.89 1.07 -2.23
C ARG A 172 -37.77 2.25 -3.20
N GLU A 173 -36.54 2.59 -3.57
CA GLU A 173 -36.27 3.71 -4.46
C GLU A 173 -36.23 3.39 -5.95
N GLY A 174 -36.33 2.10 -6.29
CA GLY A 174 -36.30 1.73 -7.69
C GLY A 174 -34.93 1.96 -8.30
N LEU A 175 -33.89 1.58 -7.57
CA LEU A 175 -32.53 1.74 -8.02
C LEU A 175 -32.02 0.49 -8.71
N LYS A 176 -31.11 0.65 -9.66
CA LYS A 176 -30.55 -0.51 -10.34
C LYS A 176 -29.75 -1.22 -9.25
N ALA A 177 -29.79 -2.54 -9.24
CA ALA A 177 -29.06 -3.28 -8.23
C ALA A 177 -28.49 -4.57 -8.79
N PHE A 178 -27.27 -4.88 -8.34
CA PHE A 178 -26.60 -6.09 -8.75
C PHE A 178 -26.45 -6.92 -7.50
N ALA A 179 -26.32 -8.24 -7.69
CA ALA A 179 -26.24 -9.13 -6.55
C ALA A 179 -24.90 -9.78 -6.24
N ILE A 180 -24.60 -9.85 -4.95
CA ILE A 180 -23.42 -10.53 -4.48
C ILE A 180 -24.08 -11.83 -4.02
N PRO A 181 -23.74 -12.96 -4.66
CA PRO A 181 -24.34 -14.25 -4.29
C PRO A 181 -24.23 -14.55 -2.80
N LYS A 182 -25.30 -15.12 -2.25
CA LYS A 182 -25.34 -15.48 -0.84
C LYS A 182 -24.11 -16.28 -0.41
N GLU A 183 -23.73 -17.26 -1.23
CA GLU A 183 -22.58 -18.11 -0.92
C GLU A 183 -21.21 -17.51 -1.23
N VAL A 184 -21.18 -16.22 -1.56
CA VAL A 184 -19.92 -15.53 -1.88
C VAL A 184 -19.55 -14.51 -0.80
N GLY A 185 -18.51 -14.81 -0.04
CA GLY A 185 -18.08 -13.90 1.00
C GLY A 185 -17.40 -12.67 0.44
N GLY A 186 -17.39 -11.59 1.22
CA GLY A 186 -16.79 -10.35 0.76
C GLY A 186 -15.39 -10.44 0.17
N ARG A 187 -14.43 -11.02 0.89
CA ARG A 187 -13.07 -11.09 0.37
C ARG A 187 -12.91 -12.05 -0.80
N PHE A 188 -13.96 -12.81 -1.10
CA PHE A 188 -13.94 -13.75 -2.23
C PHE A 188 -14.90 -13.27 -3.33
N SER A 189 -15.29 -12.00 -3.26
CA SER A 189 -16.25 -11.46 -4.21
C SER A 189 -15.74 -10.69 -5.43
N ALA A 190 -14.43 -10.66 -5.65
CA ALA A 190 -13.89 -9.90 -6.77
C ALA A 190 -14.48 -10.19 -8.16
N LEU A 191 -14.82 -11.43 -8.43
CA LEU A 191 -15.35 -11.77 -9.74
C LEU A 191 -16.88 -11.75 -9.83
N SER A 192 -17.52 -11.18 -8.83
CA SER A 192 -18.97 -11.03 -8.84
C SER A 192 -19.15 -9.60 -9.36
N PRO A 193 -20.39 -9.07 -9.39
CA PRO A 193 -20.53 -7.70 -9.88
C PRO A 193 -19.68 -6.69 -9.10
N VAL A 194 -19.26 -7.07 -7.89
CA VAL A 194 -18.41 -6.20 -7.05
C VAL A 194 -17.25 -5.68 -7.91
N GLY A 195 -16.63 -6.59 -8.66
CA GLY A 195 -15.53 -6.18 -9.52
C GLY A 195 -15.94 -6.02 -10.98
N LEU A 196 -16.91 -6.80 -11.43
CA LEU A 196 -17.35 -6.72 -12.83
C LEU A 196 -17.95 -5.37 -13.22
N LEU A 197 -18.79 -4.82 -12.35
CA LEU A 197 -19.43 -3.53 -12.64
C LEU A 197 -18.39 -2.42 -12.85
N PRO A 198 -17.52 -2.16 -11.86
CA PRO A 198 -16.54 -1.10 -12.10
C PRO A 198 -15.64 -1.41 -13.30
N LEU A 199 -15.28 -2.68 -13.48
CA LEU A 199 -14.43 -3.05 -14.61
C LEU A 199 -15.11 -2.76 -15.95
N ALA A 200 -16.43 -2.90 -15.98
CA ALA A 200 -17.16 -2.64 -17.21
C ALA A 200 -16.95 -1.18 -17.59
N PHE A 201 -17.17 -0.29 -16.62
CA PHE A 201 -16.99 1.14 -16.85
C PHE A 201 -15.53 1.49 -17.13
N ALA A 202 -14.64 0.58 -16.77
CA ALA A 202 -13.22 0.79 -17.03
C ALA A 202 -12.88 0.30 -18.44
N GLY A 203 -13.88 -0.29 -19.09
CA GLY A 203 -13.69 -0.81 -20.44
C GLY A 203 -12.82 -2.05 -20.55
N ALA A 204 -12.75 -2.83 -19.49
CA ALA A 204 -11.94 -4.05 -19.47
C ALA A 204 -12.70 -5.26 -20.02
N ASP A 205 -11.96 -6.29 -20.40
CA ASP A 205 -12.57 -7.51 -20.95
C ASP A 205 -13.00 -8.48 -19.84
N LEU A 206 -14.25 -8.34 -19.39
CA LEU A 206 -14.79 -9.18 -18.33
C LEU A 206 -14.75 -10.67 -18.69
N ASP A 207 -15.09 -10.98 -19.94
CA ASP A 207 -15.10 -12.36 -20.41
C ASP A 207 -13.74 -13.03 -20.18
N ALA A 208 -12.67 -12.32 -20.53
CA ALA A 208 -11.32 -12.84 -20.39
C ALA A 208 -10.98 -13.04 -18.92
N LEU A 209 -11.44 -12.14 -18.07
CA LEU A 209 -11.19 -12.26 -16.66
C LEU A 209 -11.78 -13.58 -16.12
N LEU A 210 -13.04 -13.85 -16.44
CA LEU A 210 -13.70 -15.06 -15.97
C LEU A 210 -13.12 -16.32 -16.62
N MET A 211 -12.69 -16.21 -17.87
CA MET A 211 -12.09 -17.35 -18.56
C MET A 211 -10.82 -17.76 -17.83
N GLY A 212 -10.01 -16.78 -17.45
CA GLY A 212 -8.78 -17.07 -16.73
C GLY A 212 -9.08 -17.71 -15.40
N ALA A 213 -10.12 -17.24 -14.72
CA ALA A 213 -10.50 -17.82 -13.43
C ALA A 213 -10.94 -19.27 -13.63
N ARG A 214 -11.62 -19.53 -14.75
CA ARG A 214 -12.07 -20.89 -15.08
C ARG A 214 -10.85 -21.80 -15.22
N LYS A 215 -9.78 -21.27 -15.82
CA LYS A 215 -8.57 -22.07 -15.99
C LYS A 215 -8.04 -22.46 -14.61
N ALA A 216 -8.06 -21.52 -13.67
CA ALA A 216 -7.61 -21.79 -12.31
C ALA A 216 -8.46 -22.90 -11.70
N ASN A 217 -9.77 -22.84 -11.94
CA ASN A 217 -10.66 -23.89 -11.42
C ASN A 217 -10.19 -25.25 -11.95
N GLU A 218 -9.77 -25.28 -13.20
CA GLU A 218 -9.29 -26.52 -13.80
C GLU A 218 -8.06 -27.02 -13.06
N THR A 219 -7.11 -26.13 -12.82
CA THR A 219 -5.89 -26.52 -12.11
C THR A 219 -6.21 -27.02 -10.71
N ALA A 220 -7.23 -26.44 -10.09
CA ALA A 220 -7.61 -26.85 -8.73
C ALA A 220 -8.10 -28.30 -8.71
N LEU A 221 -8.65 -28.77 -9.83
CA LEU A 221 -9.15 -30.14 -9.92
C LEU A 221 -8.21 -31.09 -10.66
N ALA A 222 -7.07 -30.58 -11.12
CA ALA A 222 -6.11 -31.39 -11.86
C ALA A 222 -5.27 -32.35 -11.00
N PRO A 223 -4.60 -33.31 -11.65
CA PRO A 223 -3.75 -34.26 -10.93
C PRO A 223 -2.76 -33.41 -10.12
N LEU A 224 -2.35 -33.92 -8.97
CA LEU A 224 -1.43 -33.20 -8.08
C LEU A 224 -0.30 -32.45 -8.80
N GLU A 225 0.41 -33.17 -9.67
CA GLU A 225 1.52 -32.58 -10.42
C GLU A 225 1.15 -31.36 -11.25
N GLU A 226 -0.11 -31.24 -11.62
CA GLU A 226 -0.56 -30.11 -12.43
C GLU A 226 -1.42 -29.14 -11.63
N SER A 227 -1.68 -29.46 -10.37
CA SER A 227 -2.51 -28.62 -9.52
C SER A 227 -1.70 -27.53 -8.83
N LEU A 228 -1.45 -26.45 -9.55
CA LEU A 228 -0.67 -25.34 -9.01
C LEU A 228 -1.19 -24.84 -7.66
N PRO A 229 -2.52 -24.67 -7.50
CA PRO A 229 -3.04 -24.19 -6.21
C PRO A 229 -2.71 -25.10 -5.03
N LEU A 230 -2.65 -26.42 -5.25
CA LEU A 230 -2.31 -27.34 -4.16
C LEU A 230 -0.81 -27.26 -3.89
N LYS A 231 -0.03 -26.95 -4.93
CA LYS A 231 1.41 -26.84 -4.77
C LYS A 231 1.81 -25.63 -3.94
N THR A 232 1.23 -24.46 -4.25
CA THR A 232 1.56 -23.26 -3.49
C THR A 232 0.95 -23.34 -2.09
N ALA A 233 -0.17 -24.05 -1.97
CA ALA A 233 -0.79 -24.23 -0.67
C ALA A 233 0.22 -24.99 0.19
N LEU A 234 0.84 -26.00 -0.40
CA LEU A 234 1.85 -26.79 0.30
C LEU A 234 3.01 -25.89 0.74
N LEU A 235 3.49 -25.06 -0.18
CA LEU A 235 4.60 -24.16 0.13
C LEU A 235 4.28 -23.33 1.37
N LEU A 236 3.12 -22.66 1.38
CA LEU A 236 2.76 -21.87 2.54
C LEU A 236 2.61 -22.76 3.78
N HIS A 237 2.06 -23.96 3.58
CA HIS A 237 1.87 -24.90 4.68
C HIS A 237 3.19 -25.33 5.32
N LEU A 238 4.19 -25.59 4.49
CA LEU A 238 5.50 -26.03 4.97
C LEU A 238 6.23 -24.91 5.73
N HIS A 239 5.72 -23.69 5.64
CA HIS A 239 6.32 -22.57 6.35
C HIS A 239 5.28 -21.91 7.24
N ARG A 240 4.26 -22.68 7.62
CA ARG A 240 3.17 -22.17 8.46
C ARG A 240 3.63 -21.63 9.81
N HIS A 241 4.82 -22.00 10.23
CA HIS A 241 5.35 -21.57 11.50
C HIS A 241 6.15 -20.26 11.37
N LEU A 242 6.55 -19.91 10.15
CA LEU A 242 7.28 -18.66 9.93
C LEU A 242 6.23 -17.55 10.07
N PRO A 243 6.52 -16.50 10.84
CA PRO A 243 5.58 -15.38 11.06
C PRO A 243 5.17 -14.57 9.85
N VAL A 244 6.05 -14.52 8.85
CA VAL A 244 5.78 -13.70 7.68
C VAL A 244 5.75 -14.37 6.31
N HIS A 245 4.81 -13.91 5.49
CA HIS A 245 4.68 -14.40 4.14
C HIS A 245 4.60 -13.15 3.26
N VAL A 246 5.66 -12.92 2.48
CA VAL A 246 5.70 -11.76 1.62
C VAL A 246 5.11 -12.05 0.24
N PHE A 247 4.27 -11.15 -0.25
CA PHE A 247 3.64 -11.29 -1.56
C PHE A 247 4.11 -10.06 -2.34
N MET A 248 5.08 -10.27 -3.22
CA MET A 248 5.69 -9.20 -4.00
C MET A 248 5.38 -9.27 -5.50
N VAL A 249 4.75 -8.21 -6.02
CA VAL A 249 4.39 -8.18 -7.43
C VAL A 249 5.22 -7.19 -8.25
N TYR A 250 5.85 -7.69 -9.31
CA TYR A 250 6.65 -6.87 -10.19
C TYR A 250 5.84 -6.25 -11.31
N SER A 251 5.02 -5.28 -10.94
CA SER A 251 4.16 -4.57 -11.88
C SER A 251 3.56 -3.36 -11.17
N GLU A 252 3.37 -2.28 -11.91
CA GLU A 252 2.76 -1.09 -11.34
C GLU A 252 1.25 -1.16 -11.62
N ARG A 253 0.89 -1.72 -12.77
CA ARG A 253 -0.52 -1.86 -13.12
C ARG A 253 -1.23 -2.70 -12.05
N LEU A 254 -0.50 -3.65 -11.47
CA LEU A 254 -1.03 -4.51 -10.42
C LEU A 254 -0.62 -4.03 -9.03
N SER A 255 -0.37 -2.73 -8.89
CA SER A 255 0.05 -2.17 -7.60
C SER A 255 -0.95 -2.38 -6.46
N HIS A 256 -2.21 -2.65 -6.78
CA HIS A 256 -3.22 -2.83 -5.75
C HIS A 256 -3.55 -4.30 -5.47
N LEU A 257 -2.91 -5.21 -6.21
CA LEU A 257 -3.17 -6.63 -6.00
C LEU A 257 -2.65 -7.12 -4.65
N PRO A 258 -1.44 -6.68 -4.24
CA PRO A 258 -0.94 -7.15 -2.93
C PRO A 258 -1.92 -6.89 -1.78
N SER A 259 -2.54 -5.72 -1.76
CA SER A 259 -3.49 -5.39 -0.69
C SER A 259 -4.66 -6.37 -0.71
N TRP A 260 -5.11 -6.72 -1.91
CA TRP A 260 -6.23 -7.66 -2.05
C TRP A 260 -5.82 -9.02 -1.46
N PHE A 261 -4.61 -9.45 -1.76
CA PHE A 261 -4.14 -10.74 -1.25
C PHE A 261 -3.98 -10.74 0.26
N VAL A 262 -3.50 -9.62 0.80
CA VAL A 262 -3.33 -9.50 2.24
C VAL A 262 -4.66 -9.73 2.97
N GLN A 263 -5.76 -9.14 2.48
CA GLN A 263 -7.05 -9.37 3.13
C GLN A 263 -7.46 -10.83 2.93
N LEU A 264 -7.29 -11.33 1.71
CA LEU A 264 -7.65 -12.72 1.43
C LEU A 264 -6.93 -13.68 2.37
N HIS A 265 -5.62 -13.52 2.47
CA HIS A 265 -4.80 -14.39 3.30
C HIS A 265 -5.03 -14.20 4.81
N ASP A 266 -4.84 -12.99 5.29
CA ASP A 266 -5.01 -12.64 6.70
C ASP A 266 -6.38 -12.94 7.30
N GLU A 267 -7.42 -12.39 6.68
CA GLU A 267 -8.78 -12.59 7.18
C GLU A 267 -9.26 -14.04 7.11
N SER A 268 -8.80 -14.77 6.10
CA SER A 268 -9.21 -16.17 5.94
C SER A 268 -8.51 -17.13 6.89
N LEU A 269 -7.19 -17.01 7.01
CA LEU A 269 -6.40 -17.92 7.81
C LEU A 269 -5.95 -17.47 9.21
N GLY A 270 -6.15 -16.19 9.54
CA GLY A 270 -5.79 -15.69 10.86
C GLY A 270 -6.97 -16.10 11.73
N LYS A 271 -6.94 -17.35 12.18
CA LYS A 271 -8.06 -17.90 12.94
C LYS A 271 -7.67 -18.82 14.07
N VAL A 272 -8.67 -19.20 14.86
CA VAL A 272 -8.50 -20.15 15.95
C VAL A 272 -8.86 -21.48 15.31
N ASP A 273 -7.93 -22.44 15.29
CA ASP A 273 -8.22 -23.71 14.65
C ASP A 273 -9.13 -24.60 15.51
N ARG A 274 -9.44 -25.78 15.00
CA ARG A 274 -10.33 -26.69 15.71
C ARG A 274 -9.77 -27.23 17.02
N GLN A 275 -8.49 -26.97 17.27
CA GLN A 275 -7.89 -27.41 18.51
C GLN A 275 -7.77 -26.24 19.48
N GLY A 276 -8.36 -25.12 19.09
CA GLY A 276 -8.34 -23.93 19.93
C GLY A 276 -7.05 -23.13 19.90
N GLN A 277 -6.19 -23.42 18.93
CA GLN A 277 -4.92 -22.71 18.82
C GLN A 277 -4.98 -21.56 17.81
N ARG A 278 -4.28 -20.48 18.12
CA ARG A 278 -4.23 -19.32 17.22
C ARG A 278 -3.29 -19.64 16.08
N VAL A 279 -3.77 -19.54 14.84
CA VAL A 279 -2.90 -19.82 13.71
C VAL A 279 -2.96 -18.72 12.66
N GLY A 280 -2.09 -18.81 11.67
CA GLY A 280 -2.05 -17.82 10.60
C GLY A 280 -0.72 -17.11 10.48
N THR A 281 -0.33 -16.79 9.24
CA THR A 281 0.91 -16.08 9.01
C THR A 281 0.57 -14.66 8.58
N THR A 282 1.49 -13.75 8.79
CA THR A 282 1.29 -12.36 8.45
C THR A 282 1.70 -12.05 7.01
N ALA A 283 0.71 -11.76 6.17
CA ALA A 283 0.97 -11.43 4.77
C ALA A 283 1.49 -9.99 4.70
N VAL A 284 2.61 -9.81 4.01
CA VAL A 284 3.24 -8.50 3.87
C VAL A 284 3.29 -8.15 2.38
N PRO A 285 2.64 -7.04 1.99
CA PRO A 285 2.62 -6.60 0.59
C PRO A 285 3.92 -5.95 0.13
N ALA A 286 4.27 -6.18 -1.13
CA ALA A 286 5.48 -5.60 -1.71
C ALA A 286 5.30 -5.45 -3.21
N LEU A 287 6.01 -4.49 -3.78
CA LEU A 287 5.95 -4.25 -5.21
C LEU A 287 7.36 -4.20 -5.76
N GLY A 288 7.55 -4.73 -6.96
CA GLY A 288 8.86 -4.72 -7.57
C GLY A 288 8.84 -3.80 -8.78
N PRO A 289 9.94 -3.07 -9.03
CA PRO A 289 11.19 -3.04 -8.26
C PRO A 289 11.28 -2.04 -7.09
N LYS A 290 10.27 -1.18 -6.91
CA LYS A 290 10.34 -0.17 -5.84
C LYS A 290 10.71 -0.71 -4.45
N ASP A 291 10.25 -1.91 -4.11
CA ASP A 291 10.59 -2.44 -2.80
C ASP A 291 12.01 -2.99 -2.66
N GLN A 292 12.78 -2.91 -3.73
CA GLN A 292 14.17 -3.33 -3.69
C GLN A 292 14.85 -2.15 -3.00
N HIS A 293 14.10 -1.05 -2.93
CA HIS A 293 14.55 0.19 -2.32
C HIS A 293 13.77 0.49 -1.04
N ALA A 294 13.35 -0.55 -0.33
CA ALA A 294 12.59 -0.33 0.91
C ALA A 294 12.49 -1.55 1.83
N GLN A 295 12.09 -2.69 1.29
CA GLN A 295 11.95 -3.88 2.11
C GLN A 295 12.98 -4.97 1.85
N VAL A 296 13.52 -5.00 0.64
CA VAL A 296 14.50 -6.02 0.28
C VAL A 296 15.72 -6.04 1.19
N GLN A 297 16.13 -4.86 1.68
CA GLN A 297 17.28 -4.78 2.57
C GLN A 297 17.02 -5.69 3.77
N LEU A 298 15.81 -5.61 4.33
CA LEU A 298 15.47 -6.45 5.46
C LEU A 298 15.44 -7.93 5.06
N PHE A 299 14.91 -8.22 3.88
CA PHE A 299 14.85 -9.61 3.43
C PHE A 299 16.25 -10.18 3.22
N ARG A 300 17.17 -9.31 2.81
CA ARG A 300 18.55 -9.71 2.53
C ARG A 300 19.44 -9.94 3.76
N GLU A 301 19.37 -9.06 4.75
CA GLU A 301 20.23 -9.21 5.92
C GLU A 301 19.51 -9.35 7.24
N GLY A 302 18.18 -9.31 7.20
CA GLY A 302 17.40 -9.46 8.41
C GLY A 302 17.15 -10.93 8.68
N PRO A 303 16.36 -11.26 9.72
CA PRO A 303 16.06 -12.65 10.08
C PRO A 303 15.50 -13.50 8.93
N LEU A 304 15.80 -14.79 8.94
CA LEU A 304 15.30 -15.70 7.92
C LEU A 304 13.99 -16.26 8.45
N ASP A 305 12.98 -15.40 8.56
CA ASP A 305 11.69 -15.81 9.09
C ASP A 305 10.54 -15.53 8.13
N LYS A 306 10.81 -15.64 6.84
CA LYS A 306 9.81 -15.37 5.84
C LYS A 306 9.75 -16.39 4.71
N LEU A 307 8.60 -16.42 4.04
CA LEU A 307 8.41 -17.25 2.85
C LEU A 307 8.00 -16.16 1.88
N LEU A 308 8.77 -15.98 0.82
CA LEU A 308 8.46 -14.94 -0.15
C LEU A 308 8.02 -15.46 -1.50
N ALA A 309 6.92 -14.89 -1.98
CA ALA A 309 6.38 -15.26 -3.28
C ALA A 309 6.51 -14.03 -4.17
N LEU A 310 7.13 -14.22 -5.32
CA LEU A 310 7.31 -13.13 -6.28
C LEU A 310 6.49 -13.40 -7.54
N VAL A 311 5.60 -12.46 -7.86
CA VAL A 311 4.76 -12.57 -9.05
C VAL A 311 5.46 -11.78 -10.13
N ILE A 312 5.86 -12.46 -11.21
CA ILE A 312 6.58 -11.82 -12.29
C ILE A 312 5.99 -12.02 -13.68
N PRO A 313 5.74 -10.91 -14.41
CA PRO A 313 5.18 -11.01 -15.76
C PRO A 313 6.31 -11.40 -16.71
N GLU A 314 5.98 -12.07 -17.81
CA GLU A 314 7.02 -12.49 -18.75
C GLU A 314 7.04 -11.70 -20.04
N ALA A 315 6.02 -10.86 -20.24
CA ALA A 315 5.94 -10.06 -21.45
C ALA A 315 5.11 -8.81 -21.22
N PRO A 316 5.44 -7.73 -21.93
CA PRO A 316 4.71 -6.47 -21.81
C PRO A 316 3.61 -6.49 -22.85
N LEU A 317 2.60 -5.65 -22.69
CA LEU A 317 1.53 -5.59 -23.68
C LEU A 317 2.03 -4.61 -24.76
N GLU A 318 2.76 -3.59 -24.32
CA GLU A 318 3.34 -2.60 -25.21
C GLU A 318 4.58 -2.08 -24.49
N ASP A 319 5.74 -2.35 -25.08
CA ASP A 319 7.02 -1.97 -24.48
C ASP A 319 7.51 -0.58 -24.88
N VAL A 320 8.62 -0.17 -24.27
CA VAL A 320 9.22 1.14 -24.55
C VAL A 320 10.72 1.02 -24.58
N GLU A 321 11.33 1.45 -25.69
CA GLU A 321 12.77 1.39 -25.80
C GLU A 321 13.35 2.59 -25.06
N ILE A 322 14.40 2.35 -24.27
CA ILE A 322 15.05 3.42 -23.52
C ILE A 322 15.98 4.14 -24.51
N PRO A 323 15.65 5.39 -24.85
CA PRO A 323 16.44 6.20 -25.79
C PRO A 323 17.76 6.70 -25.22
N GLU A 324 18.76 6.87 -26.08
CA GLU A 324 20.05 7.35 -25.62
C GLU A 324 19.90 8.83 -25.30
N VAL A 325 20.67 9.30 -24.32
CA VAL A 325 20.63 10.69 -23.90
C VAL A 325 22.00 11.34 -24.08
N GLU A 326 22.04 12.41 -24.85
CA GLU A 326 23.30 13.12 -25.07
C GLU A 326 23.70 13.79 -23.76
N GLY A 327 24.90 13.48 -23.27
CA GLY A 327 25.37 14.06 -22.04
C GLY A 327 25.10 13.24 -20.79
N LEU A 328 24.54 12.05 -20.96
CA LEU A 328 24.25 11.17 -19.83
C LEU A 328 24.82 9.78 -20.12
N GLU A 329 26.13 9.75 -20.38
CA GLU A 329 26.82 8.50 -20.70
C GLU A 329 26.82 7.46 -19.59
N ALA A 330 26.61 7.89 -18.35
CA ALA A 330 26.58 6.95 -17.23
C ALA A 330 25.38 6.01 -17.32
N ALA A 331 24.45 6.33 -18.22
CA ALA A 331 23.24 5.54 -18.42
C ALA A 331 23.26 4.81 -19.77
N SER A 332 24.42 4.73 -20.39
CA SER A 332 24.54 4.08 -21.69
C SER A 332 24.27 2.58 -21.67
N TYR A 333 24.46 1.94 -20.52
CA TYR A 333 24.22 0.50 -20.43
C TYR A 333 22.72 0.21 -20.56
N LEU A 334 21.90 1.26 -20.42
CA LEU A 334 20.46 1.13 -20.53
C LEU A 334 19.96 1.48 -21.93
N PHE A 335 20.71 2.31 -22.64
CA PHE A 335 20.32 2.72 -24.00
C PHE A 335 20.14 1.49 -24.89
N GLY A 336 19.06 1.47 -25.66
CA GLY A 336 18.82 0.34 -26.54
C GLY A 336 17.96 -0.74 -25.90
N LYS A 337 18.05 -0.88 -24.59
CA LYS A 337 17.25 -1.86 -23.87
C LYS A 337 15.84 -1.29 -23.74
N THR A 338 14.87 -2.13 -23.35
CA THR A 338 13.49 -1.68 -23.18
C THR A 338 13.15 -1.57 -21.68
N LEU A 339 12.08 -0.86 -21.37
CA LEU A 339 11.65 -0.71 -19.99
C LEU A 339 11.25 -2.06 -19.41
N PHE A 340 10.51 -2.86 -20.18
CA PHE A 340 10.12 -4.18 -19.68
C PHE A 340 11.36 -5.05 -19.48
N GLN A 341 12.31 -4.92 -20.39
CA GLN A 341 13.55 -5.70 -20.29
C GLN A 341 14.21 -5.41 -18.94
N LEU A 342 14.19 -4.14 -18.54
CA LEU A 342 14.77 -3.74 -17.26
C LEU A 342 13.95 -4.34 -16.11
N LEU A 343 12.64 -4.17 -16.19
CA LEU A 343 11.73 -4.69 -15.18
C LEU A 343 12.00 -6.19 -14.95
N LYS A 344 12.03 -6.94 -16.04
CA LYS A 344 12.27 -8.39 -15.99
C LYS A 344 13.62 -8.71 -15.37
N ALA A 345 14.65 -7.99 -15.79
CA ALA A 345 15.99 -8.20 -15.27
C ALA A 345 16.02 -7.98 -13.76
N GLU A 346 15.37 -6.91 -13.29
CA GLU A 346 15.36 -6.63 -11.86
C GLU A 346 14.60 -7.69 -11.07
N ALA A 347 13.53 -8.21 -11.66
CA ALA A 347 12.72 -9.22 -11.00
C ALA A 347 13.55 -10.50 -10.83
N GLU A 348 14.15 -10.96 -11.92
CA GLU A 348 14.97 -12.17 -11.90
C GLU A 348 16.14 -11.98 -10.93
N ALA A 349 16.77 -10.81 -11.01
CA ALA A 349 17.90 -10.47 -10.18
C ALA A 349 17.55 -10.51 -8.69
N THR A 350 16.42 -9.90 -8.33
CA THR A 350 15.99 -9.88 -6.94
C THR A 350 15.60 -11.27 -6.45
N TYR A 351 14.93 -12.02 -7.32
CA TYR A 351 14.51 -13.38 -7.01
C TYR A 351 15.76 -14.17 -6.60
N GLU A 352 16.80 -14.05 -7.41
CA GLU A 352 18.07 -14.74 -7.12
C GLU A 352 18.75 -14.19 -5.87
N ALA A 353 18.75 -12.86 -5.70
CA ALA A 353 19.39 -12.25 -4.54
C ALA A 353 18.72 -12.71 -3.25
N LEU A 354 17.39 -12.78 -3.26
CA LEU A 354 16.67 -13.22 -2.09
C LEU A 354 17.07 -14.65 -1.72
N ALA A 355 17.23 -15.50 -2.74
CA ALA A 355 17.61 -16.88 -2.49
C ALA A 355 19.07 -16.96 -2.02
N GLU A 356 19.92 -16.09 -2.57
CA GLU A 356 21.34 -16.04 -2.20
C GLU A 356 21.48 -15.68 -0.74
N ALA A 357 20.54 -14.87 -0.25
CA ALA A 357 20.55 -14.44 1.15
C ALA A 357 20.03 -15.54 2.08
N GLY A 358 19.59 -16.65 1.51
CA GLY A 358 19.09 -17.75 2.31
C GLY A 358 17.60 -17.78 2.62
N GLN A 359 16.84 -16.87 2.03
CA GLN A 359 15.40 -16.81 2.26
C GLN A 359 14.64 -17.85 1.44
N ARG A 360 13.58 -18.38 2.01
CA ARG A 360 12.75 -19.35 1.29
C ARG A 360 11.90 -18.52 0.34
N VAL A 361 12.18 -18.66 -0.96
CA VAL A 361 11.46 -17.91 -1.97
C VAL A 361 11.12 -18.73 -3.21
N TYR A 362 10.01 -18.37 -3.85
CA TYR A 362 9.55 -19.03 -5.07
C TYR A 362 8.89 -17.97 -5.92
N ALA A 363 8.61 -18.29 -7.17
CA ALA A 363 8.00 -17.32 -8.05
C ALA A 363 6.83 -17.87 -8.84
N LEU A 364 5.88 -16.98 -9.13
CA LEU A 364 4.72 -17.32 -9.94
C LEU A 364 4.82 -16.42 -11.16
N PHE A 365 4.98 -17.03 -12.32
CA PHE A 365 5.11 -16.29 -13.56
C PHE A 365 3.78 -16.16 -14.31
N LEU A 366 3.52 -14.95 -14.80
CA LEU A 366 2.32 -14.65 -15.58
C LEU A 366 2.82 -14.37 -16.99
N PRO A 367 2.11 -14.87 -18.01
CA PRO A 367 2.58 -14.60 -19.38
C PRO A 367 2.67 -13.10 -19.64
N GLU A 368 1.74 -12.35 -19.05
CA GLU A 368 1.69 -10.91 -19.18
C GLU A 368 0.60 -10.43 -18.24
N VAL A 369 0.52 -9.14 -17.99
CA VAL A 369 -0.53 -8.62 -17.12
C VAL A 369 -1.77 -8.38 -17.97
N SER A 370 -2.67 -9.35 -17.96
CA SER A 370 -3.92 -9.28 -18.72
C SER A 370 -5.07 -9.81 -17.88
N PRO A 371 -6.32 -9.46 -18.26
CA PRO A 371 -7.47 -9.94 -17.50
C PRO A 371 -7.42 -11.47 -17.35
N TYR A 372 -7.10 -12.15 -18.44
CA TYR A 372 -7.01 -13.61 -18.45
C TYR A 372 -6.00 -14.12 -17.42
N ALA A 373 -4.77 -13.62 -17.52
CA ALA A 373 -3.71 -14.03 -16.59
C ALA A 373 -3.97 -13.63 -15.13
N VAL A 374 -4.49 -12.43 -14.92
CA VAL A 374 -4.76 -11.96 -13.56
C VAL A 374 -5.98 -12.66 -12.97
N GLY A 375 -6.99 -12.93 -13.80
CA GLY A 375 -8.17 -13.63 -13.32
C GLY A 375 -7.74 -15.01 -12.88
N TRP A 376 -6.80 -15.58 -13.62
CA TRP A 376 -6.26 -16.89 -13.31
C TRP A 376 -5.53 -16.79 -11.96
N LEU A 377 -4.64 -15.81 -11.82
CA LEU A 377 -3.88 -15.64 -10.58
C LEU A 377 -4.77 -15.44 -9.35
N MET A 378 -5.73 -14.52 -9.44
CA MET A 378 -6.64 -14.27 -8.33
C MET A 378 -7.44 -15.51 -7.91
N GLN A 379 -8.01 -16.21 -8.89
CA GLN A 379 -8.79 -17.41 -8.59
C GLN A 379 -7.87 -18.49 -8.00
N HIS A 380 -6.63 -18.54 -8.49
CA HIS A 380 -5.63 -19.50 -8.02
C HIS A 380 -5.37 -19.27 -6.55
N LEU A 381 -5.22 -18.01 -6.16
CA LEU A 381 -4.94 -17.66 -4.77
C LEU A 381 -6.12 -17.94 -3.87
N MET A 382 -7.33 -17.78 -4.37
CA MET A 382 -8.50 -18.07 -3.56
C MET A 382 -8.54 -19.58 -3.28
N TRP A 383 -8.18 -20.39 -4.27
CA TRP A 383 -8.15 -21.84 -4.08
C TRP A 383 -7.05 -22.18 -3.08
N GLN A 384 -5.88 -21.59 -3.29
CA GLN A 384 -4.74 -21.81 -2.40
C GLN A 384 -5.19 -21.56 -0.96
N THR A 385 -5.87 -20.43 -0.76
CA THR A 385 -6.35 -20.05 0.55
C THR A 385 -7.39 -21.03 1.11
N ALA A 386 -8.33 -21.47 0.27
CA ALA A 386 -9.35 -22.42 0.72
C ALA A 386 -8.68 -23.75 1.10
N PHE A 387 -7.72 -24.21 0.30
CA PHE A 387 -7.03 -25.46 0.62
C PHE A 387 -6.31 -25.33 1.96
N LEU A 388 -5.66 -24.18 2.18
CA LEU A 388 -4.97 -23.93 3.44
C LEU A 388 -5.95 -23.94 4.61
N GLY A 389 -7.19 -23.55 4.36
CA GLY A 389 -8.19 -23.56 5.41
C GLY A 389 -8.36 -24.97 5.94
N GLU A 390 -8.28 -25.95 5.04
CA GLU A 390 -8.41 -27.34 5.41
C GLU A 390 -7.12 -27.86 6.07
N LEU A 391 -5.99 -27.53 5.49
CA LEU A 391 -4.70 -27.97 6.03
C LEU A 391 -4.46 -27.44 7.45
N TRP A 392 -4.96 -26.23 7.73
CA TRP A 392 -4.77 -25.65 9.06
C TRP A 392 -5.98 -25.82 9.97
N GLU A 393 -6.98 -26.54 9.48
CA GLU A 393 -8.19 -26.81 10.26
C GLU A 393 -8.88 -25.60 10.82
N VAL A 394 -9.14 -24.62 9.96
CA VAL A 394 -9.81 -23.40 10.36
C VAL A 394 -10.95 -23.14 9.40
N ASN A 395 -11.84 -22.25 9.79
CA ASN A 395 -12.96 -21.84 8.96
C ASN A 395 -12.39 -20.64 8.20
N ALA A 396 -12.04 -20.86 6.94
CA ALA A 396 -11.46 -19.81 6.12
C ALA A 396 -12.47 -18.83 5.54
N PHE A 397 -13.75 -19.02 5.89
CA PHE A 397 -14.77 -18.19 5.30
C PHE A 397 -15.58 -17.27 6.20
N ASP A 398 -15.18 -17.15 7.46
CA ASP A 398 -15.86 -16.26 8.37
C ASP A 398 -14.84 -15.27 8.95
N GLN A 399 -15.27 -14.40 9.85
CA GLN A 399 -14.37 -13.42 10.43
C GLN A 399 -14.84 -12.95 11.80
N PRO A 400 -14.81 -13.85 12.80
CA PRO A 400 -15.25 -13.60 14.17
C PRO A 400 -14.55 -12.44 14.86
N GLY A 401 -13.29 -12.21 14.52
CA GLY A 401 -12.51 -11.16 15.15
C GLY A 401 -12.90 -9.70 14.91
N VAL A 402 -13.64 -9.42 13.85
CA VAL A 402 -14.03 -8.05 13.55
C VAL A 402 -15.29 -7.55 14.25
N GLU A 403 -16.02 -8.45 14.90
CA GLU A 403 -17.26 -8.03 15.57
C GLU A 403 -17.07 -7.03 16.70
N LEU A 404 -16.15 -7.31 17.62
CA LEU A 404 -15.92 -6.43 18.77
C LEU A 404 -15.70 -4.97 18.36
N GLY A 405 -14.86 -4.75 17.35
CA GLY A 405 -14.60 -3.39 16.90
C GLY A 405 -15.87 -2.66 16.52
N LYS A 406 -16.76 -3.35 15.81
CA LYS A 406 -18.02 -2.76 15.39
C LYS A 406 -18.90 -2.41 16.58
N VAL A 407 -18.95 -3.33 17.55
CA VAL A 407 -19.74 -3.15 18.75
C VAL A 407 -19.26 -1.93 19.54
N LEU A 408 -17.95 -1.87 19.79
CA LEU A 408 -17.38 -0.76 20.54
C LEU A 408 -17.57 0.56 19.80
N THR A 409 -17.55 0.50 18.47
CA THR A 409 -17.75 1.71 17.66
C THR A 409 -19.15 2.26 17.90
N ARG A 410 -20.15 1.38 17.87
CA ARG A 410 -21.53 1.82 18.11
C ARG A 410 -21.67 2.34 19.53
N LYS A 411 -20.97 1.70 20.46
CA LYS A 411 -21.00 2.11 21.86
C LYS A 411 -20.46 3.53 21.98
N ARG A 412 -19.31 3.77 21.37
CA ARG A 412 -18.67 5.09 21.38
C ARG A 412 -19.58 6.16 20.79
N LEU A 413 -20.10 5.92 19.59
CA LEU A 413 -20.99 6.88 18.93
C LEU A 413 -22.24 7.20 19.76
N ALA A 414 -22.79 6.21 20.44
CA ALA A 414 -24.00 6.42 21.23
C ALA A 414 -23.81 7.31 22.45
N GLY A 415 -22.91 6.91 23.34
CA GLY A 415 -22.66 7.68 24.55
C GLY A 415 -23.27 7.01 25.76
N MET B 1 0.24 18.72 19.91
CA MET B 1 1.14 17.93 20.80
C MET B 1 1.07 16.45 20.46
N LEU B 2 2.14 15.89 19.90
CA LEU B 2 2.18 14.48 19.58
C LEU B 2 2.12 13.80 20.95
N ARG B 3 1.17 12.88 21.13
CA ARG B 3 1.04 12.22 22.41
C ARG B 3 1.13 10.70 22.36
N LEU B 4 1.92 10.12 23.25
CA LEU B 4 2.08 8.68 23.34
C LEU B 4 1.09 8.14 24.36
N ASP B 5 0.31 7.14 23.96
CA ASP B 5 -0.67 6.55 24.86
C ASP B 5 -0.35 5.08 25.04
N THR B 6 -0.19 4.67 26.29
CA THR B 6 0.14 3.29 26.61
C THR B 6 -0.85 2.73 27.62
N ARG B 7 -2.11 3.14 27.52
CA ARG B 7 -3.14 2.69 28.44
C ARG B 7 -3.21 1.16 28.56
N PHE B 8 -2.85 0.46 27.48
CA PHE B 8 -2.91 -1.01 27.48
C PHE B 8 -1.57 -1.70 27.74
N LEU B 9 -0.58 -0.93 28.17
CA LEU B 9 0.74 -1.47 28.48
C LEU B 9 1.08 -0.87 29.85
N PRO B 10 0.42 -1.36 30.90
CA PRO B 10 0.60 -0.92 32.29
C PRO B 10 2.01 -0.93 32.89
N GLY B 11 2.87 -1.82 32.42
CA GLY B 11 4.21 -1.86 32.99
C GLY B 11 5.24 -0.91 32.38
N PHE B 12 4.82 -0.08 31.42
CA PHE B 12 5.75 0.83 30.76
C PHE B 12 6.43 1.91 31.59
N PRO B 13 5.66 2.69 32.37
CA PRO B 13 6.33 3.73 33.17
C PRO B 13 7.49 3.20 34.01
N GLU B 14 7.31 2.01 34.56
CA GLU B 14 8.33 1.39 35.39
C GLU B 14 9.49 0.90 34.52
N ALA B 15 9.16 0.29 33.37
CA ALA B 15 10.18 -0.21 32.47
C ALA B 15 11.03 0.93 31.92
N LEU B 16 10.44 2.11 31.81
CA LEU B 16 11.17 3.29 31.30
C LEU B 16 12.26 3.69 32.30
N SER B 17 11.89 3.72 33.58
CA SER B 17 12.85 4.07 34.62
C SER B 17 13.95 3.02 34.66
N ARG B 18 13.55 1.76 34.66
CA ARG B 18 14.51 0.66 34.69
C ARG B 18 15.52 0.74 33.57
N HIS B 19 15.07 1.09 32.37
CA HIS B 19 15.97 1.18 31.22
C HIS B 19 16.50 2.57 30.94
N GLY B 20 16.36 3.47 31.91
CA GLY B 20 16.84 4.84 31.73
C GLY B 20 18.28 4.88 31.26
N PRO B 21 19.21 4.25 32.01
CA PRO B 21 20.63 4.23 31.65
C PRO B 21 20.89 3.76 30.22
N LEU B 22 20.29 2.62 29.84
CA LEU B 22 20.46 2.05 28.51
C LEU B 22 20.10 3.09 27.44
N LEU B 23 18.95 3.73 27.62
CA LEU B 23 18.47 4.74 26.68
C LEU B 23 19.39 5.96 26.63
N GLU B 24 19.84 6.44 27.78
CA GLU B 24 20.74 7.60 27.81
C GLU B 24 22.01 7.25 27.05
N GLU B 25 22.49 6.02 27.21
CA GLU B 25 23.70 5.57 26.53
C GLU B 25 23.51 5.45 25.03
N ALA B 26 22.35 4.96 24.61
CA ALA B 26 22.08 4.83 23.18
C ALA B 26 22.08 6.23 22.57
N ARG B 27 21.40 7.16 23.22
CA ARG B 27 21.36 8.52 22.71
C ARG B 27 22.76 9.14 22.69
N ARG B 28 23.53 8.90 23.75
CA ARG B 28 24.89 9.44 23.83
C ARG B 28 25.74 8.96 22.66
N ARG B 29 25.65 7.67 22.37
CA ARG B 29 26.42 7.07 21.28
C ARG B 29 26.07 7.69 19.93
N LEU B 30 24.78 7.91 19.71
CA LEU B 30 24.31 8.49 18.44
C LEU B 30 24.79 9.92 18.25
N LEU B 31 24.54 10.76 19.25
CA LEU B 31 24.92 12.16 19.20
C LEU B 31 26.43 12.36 19.05
N ALA B 32 27.21 11.43 19.59
CA ALA B 32 28.66 11.51 19.52
C ALA B 32 29.19 11.29 18.10
N LYS B 33 28.31 10.85 17.19
CA LYS B 33 28.71 10.61 15.81
C LYS B 33 28.49 11.83 14.90
N ARG B 34 27.81 12.85 15.40
CA ARG B 34 27.53 14.06 14.61
C ARG B 34 28.81 14.79 14.25
N GLY B 35 28.80 15.52 13.14
CA GLY B 35 29.98 16.25 12.73
C GLY B 35 31.05 15.36 12.16
N GLU B 36 30.95 14.06 12.44
CA GLU B 36 31.92 13.10 11.91
C GLU B 36 31.51 12.83 10.48
N PRO B 37 32.42 13.09 9.54
CA PRO B 37 32.10 12.86 8.13
C PRO B 37 31.67 11.43 7.79
N GLY B 38 30.56 11.31 7.07
CA GLY B 38 30.05 10.01 6.69
C GLY B 38 29.13 9.32 7.68
N SER B 39 28.83 9.97 8.81
CA SER B 39 27.97 9.37 9.81
C SER B 39 26.50 9.38 9.39
N MET B 40 26.23 10.07 8.28
CA MET B 40 24.88 10.16 7.71
C MET B 40 23.79 10.62 8.66
N LEU B 41 24.08 11.63 9.48
CA LEU B 41 23.11 12.14 10.43
C LEU B 41 22.55 13.51 10.04
N GLY B 42 22.76 13.90 8.79
CA GLY B 42 22.31 15.19 8.32
C GLY B 42 20.81 15.45 8.42
N TRP B 43 20.01 14.39 8.53
CA TRP B 43 18.56 14.56 8.63
C TRP B 43 18.18 15.30 9.92
N MET B 44 19.07 15.27 10.90
CA MET B 44 18.80 15.96 12.15
C MET B 44 18.73 17.46 11.92
N ASP B 45 19.56 17.94 10.99
CA ASP B 45 19.67 19.35 10.67
C ASP B 45 18.69 19.94 9.65
N LEU B 46 18.08 19.09 8.84
CA LEU B 46 17.15 19.58 7.82
C LEU B 46 16.04 20.52 8.33
N PRO B 47 15.45 20.24 9.51
CA PRO B 47 14.40 21.13 10.01
C PRO B 47 14.85 22.56 10.29
N GLU B 48 16.15 22.76 10.47
CA GLU B 48 16.72 24.07 10.76
C GLU B 48 17.13 24.86 9.52
N ASP B 49 17.13 24.21 8.36
CA ASP B 49 17.51 24.87 7.13
C ASP B 49 16.31 25.60 6.53
N THR B 50 16.00 26.78 7.06
CA THR B 50 14.88 27.57 6.58
C THR B 50 15.21 28.36 5.31
N GLU B 51 16.49 28.47 5.00
CA GLU B 51 16.90 29.21 3.81
C GLU B 51 16.66 28.44 2.51
N THR B 52 16.92 27.14 2.52
CA THR B 52 16.70 26.33 1.32
C THR B 52 15.22 26.35 0.99
N LEU B 53 14.41 26.30 2.04
CA LEU B 53 12.97 26.33 1.92
C LEU B 53 12.51 27.55 1.12
N ARG B 54 13.00 28.72 1.48
CA ARG B 54 12.63 29.95 0.79
C ARG B 54 13.04 29.88 -0.68
N GLU B 55 14.15 29.19 -0.92
CA GLU B 55 14.67 29.03 -2.27
C GLU B 55 13.74 28.16 -3.11
N VAL B 56 13.27 27.07 -2.51
CA VAL B 56 12.36 26.14 -3.17
C VAL B 56 11.09 26.88 -3.56
N ARG B 57 10.56 27.64 -2.61
CA ARG B 57 9.35 28.41 -2.81
C ARG B 57 9.47 29.43 -3.93
N ARG B 58 10.60 30.15 -3.96
CA ARG B 58 10.83 31.16 -4.99
C ARG B 58 10.79 30.51 -6.38
N TYR B 59 11.47 29.37 -6.51
CA TYR B 59 11.47 28.64 -7.79
C TYR B 59 10.05 28.26 -8.17
N ARG B 60 9.27 27.76 -7.21
CA ARG B 60 7.90 27.34 -7.46
C ARG B 60 7.03 28.51 -7.93
N GLU B 61 7.20 29.67 -7.30
CA GLU B 61 6.42 30.84 -7.66
C GLU B 61 6.81 31.41 -9.00
N ALA B 62 8.03 31.11 -9.43
CA ALA B 62 8.55 31.57 -10.72
C ALA B 62 8.07 30.66 -11.84
N ASN B 63 7.37 29.58 -11.48
CA ASN B 63 6.86 28.63 -12.46
C ASN B 63 5.41 28.26 -12.19
N PRO B 64 4.51 29.26 -12.26
CA PRO B 64 3.07 29.06 -12.02
C PRO B 64 2.36 28.30 -13.14
N TRP B 65 3.07 28.04 -14.22
CA TRP B 65 2.52 27.31 -15.37
C TRP B 65 2.36 25.80 -15.17
N VAL B 66 3.07 25.25 -14.19
CA VAL B 66 3.03 23.81 -13.94
C VAL B 66 1.65 23.29 -13.52
N GLU B 67 1.14 22.32 -14.28
CA GLU B 67 -0.15 21.71 -14.00
C GLU B 67 0.02 20.23 -13.66
N ASP B 68 1.13 19.66 -14.13
CA ASP B 68 1.44 18.26 -13.89
C ASP B 68 2.90 18.14 -13.45
N PHE B 69 3.10 17.53 -12.28
CA PHE B 69 4.43 17.35 -11.71
C PHE B 69 4.80 15.88 -11.77
N VAL B 70 5.77 15.55 -12.60
CA VAL B 70 6.22 14.17 -12.75
C VAL B 70 7.51 13.94 -11.96
N LEU B 71 7.39 13.27 -10.83
CA LEU B 71 8.55 12.97 -10.00
C LEU B 71 9.11 11.61 -10.39
N ILE B 72 10.28 11.63 -11.03
CA ILE B 72 10.93 10.40 -11.44
C ILE B 72 11.90 10.08 -10.30
N GLY B 73 11.49 9.17 -9.43
CA GLY B 73 12.32 8.80 -8.30
C GLY B 73 11.78 7.54 -7.69
N ILE B 74 12.63 6.81 -6.97
CA ILE B 74 12.19 5.57 -6.35
C ILE B 74 12.76 5.42 -4.95
N GLY B 75 12.05 4.69 -4.09
CA GLY B 75 12.51 4.51 -2.74
C GLY B 75 12.50 5.79 -1.91
N GLY B 76 13.65 6.15 -1.36
CA GLY B 76 13.74 7.35 -0.54
C GLY B 76 13.41 8.63 -1.29
N SER B 77 13.46 8.56 -2.61
CA SER B 77 13.19 9.73 -3.44
C SER B 77 11.71 9.83 -3.83
N ALA B 78 10.92 8.84 -3.42
CA ALA B 78 9.52 8.83 -3.77
C ALA B 78 8.55 8.66 -2.59
N LEU B 79 8.89 7.77 -1.66
CA LEU B 79 8.01 7.51 -0.52
C LEU B 79 7.69 8.74 0.33
N GLY B 80 8.70 9.52 0.66
CA GLY B 80 8.47 10.71 1.46
C GLY B 80 7.55 11.67 0.71
N PRO B 81 7.91 12.05 -0.53
CA PRO B 81 7.10 12.97 -1.33
C PRO B 81 5.65 12.47 -1.46
N LYS B 82 5.49 11.18 -1.78
CA LYS B 82 4.16 10.59 -1.91
C LYS B 82 3.35 10.78 -0.64
N ALA B 83 3.96 10.42 0.49
CA ALA B 83 3.29 10.55 1.78
C ALA B 83 2.84 11.98 2.07
N LEU B 84 3.73 12.94 1.86
CA LEU B 84 3.42 14.35 2.14
C LEU B 84 2.46 15.00 1.14
N GLU B 85 2.68 14.78 -0.15
CA GLU B 85 1.82 15.36 -1.18
C GLU B 85 0.38 14.87 -1.12
N ALA B 86 0.19 13.58 -0.83
CA ALA B 86 -1.16 13.04 -0.75
C ALA B 86 -1.93 13.67 0.41
N ALA B 87 -1.21 14.03 1.47
CA ALA B 87 -1.85 14.62 2.62
C ALA B 87 -2.05 16.13 2.56
N PHE B 88 -1.18 16.84 1.84
CA PHE B 88 -1.28 18.30 1.82
C PHE B 88 -1.40 19.03 0.50
N ASN B 89 -1.93 18.37 -0.53
CA ASN B 89 -2.07 19.03 -1.81
C ASN B 89 -3.24 20.01 -1.80
N GLU B 90 -2.94 21.31 -1.84
CA GLU B 90 -3.96 22.35 -1.85
C GLU B 90 -4.04 23.04 -3.22
N SER B 91 -2.96 22.96 -3.97
CA SER B 91 -2.87 23.63 -5.27
C SER B 91 -3.65 23.02 -6.43
N GLY B 92 -3.94 21.73 -6.35
CA GLY B 92 -4.65 21.10 -7.45
C GLY B 92 -3.69 20.61 -8.52
N VAL B 93 -2.40 20.86 -8.34
CA VAL B 93 -1.41 20.39 -9.30
C VAL B 93 -1.48 18.86 -9.25
N ARG B 94 -1.40 18.22 -10.42
CA ARG B 94 -1.46 16.77 -10.49
C ARG B 94 -0.07 16.16 -10.42
N PHE B 95 0.11 15.22 -9.49
CA PHE B 95 1.39 14.53 -9.32
C PHE B 95 1.39 13.11 -9.87
N HIS B 96 2.46 12.77 -10.57
CA HIS B 96 2.64 11.46 -11.17
C HIS B 96 4.01 10.94 -10.74
N TYR B 97 4.02 9.78 -10.11
CA TYR B 97 5.26 9.20 -9.62
C TYR B 97 5.81 8.07 -10.47
N LEU B 98 7.01 8.28 -11.01
CA LEU B 98 7.64 7.24 -11.79
C LEU B 98 8.58 6.51 -10.82
N ASP B 99 8.00 5.62 -10.03
CA ASP B 99 8.75 4.84 -9.06
C ASP B 99 8.71 3.39 -9.52
N HIS B 100 8.85 3.21 -10.83
CA HIS B 100 8.78 1.90 -11.45
C HIS B 100 9.25 2.03 -12.90
N VAL B 101 9.30 0.91 -13.61
CA VAL B 101 9.72 0.92 -15.00
C VAL B 101 8.83 0.13 -15.93
N GLU B 102 7.62 -0.21 -15.47
CA GLU B 102 6.69 -0.95 -16.32
C GLU B 102 6.31 0.04 -17.40
N PRO B 103 6.48 -0.33 -18.67
CA PRO B 103 6.18 0.52 -19.83
C PRO B 103 4.78 1.10 -20.03
N GLU B 104 3.74 0.29 -19.92
CA GLU B 104 2.38 0.77 -20.16
C GLU B 104 1.94 2.00 -19.38
N PRO B 105 2.10 2.01 -18.05
CA PRO B 105 1.66 3.20 -17.30
C PRO B 105 2.44 4.45 -17.72
N ILE B 106 3.68 4.26 -18.15
CA ILE B 106 4.49 5.38 -18.58
C ILE B 106 4.03 5.90 -19.94
N LEU B 107 3.71 4.99 -20.85
CA LEU B 107 3.23 5.36 -22.17
C LEU B 107 1.91 6.11 -22.04
N ARG B 108 1.12 5.73 -21.05
CA ARG B 108 -0.16 6.40 -20.83
C ARG B 108 0.08 7.86 -20.43
N LEU B 109 1.12 8.09 -19.62
CA LEU B 109 1.46 9.44 -19.21
C LEU B 109 1.91 10.27 -20.42
N LEU B 110 2.79 9.68 -21.23
CA LEU B 110 3.31 10.36 -22.41
C LEU B 110 2.19 10.71 -23.38
N ARG B 111 1.12 9.91 -23.37
CA ARG B 111 -0.01 10.13 -24.28
C ARG B 111 -1.13 10.98 -23.71
N THR B 112 -1.10 11.25 -22.41
CA THR B 112 -2.17 12.05 -21.81
C THR B 112 -1.71 13.39 -21.22
N LEU B 113 -0.40 13.54 -20.99
CA LEU B 113 0.14 14.78 -20.42
C LEU B 113 0.48 15.82 -21.48
N ASP B 114 0.26 17.09 -21.15
CA ASP B 114 0.59 18.19 -22.04
C ASP B 114 2.02 18.63 -21.68
N PRO B 115 2.97 18.41 -22.58
CA PRO B 115 4.38 18.78 -22.33
C PRO B 115 4.53 20.22 -21.86
N ARG B 116 3.79 21.12 -22.46
CA ARG B 116 3.87 22.53 -22.10
C ARG B 116 3.38 22.86 -20.69
N LYS B 117 2.69 21.90 -20.05
CA LYS B 117 2.17 22.12 -18.70
C LYS B 117 2.78 21.16 -17.70
N THR B 118 3.76 20.37 -18.15
CA THR B 118 4.40 19.39 -17.31
C THR B 118 5.82 19.73 -16.86
N LEU B 119 6.10 19.45 -15.59
CA LEU B 119 7.42 19.67 -15.02
C LEU B 119 7.92 18.32 -14.53
N VAL B 120 9.08 17.91 -15.03
CA VAL B 120 9.67 16.64 -14.65
C VAL B 120 10.73 16.89 -13.58
N ASN B 121 10.65 16.15 -12.48
CA ASN B 121 11.61 16.29 -11.39
C ASN B 121 12.34 14.97 -11.21
N ALA B 122 13.59 14.91 -11.67
CA ALA B 122 14.40 13.69 -11.53
C ALA B 122 15.05 13.75 -10.16
N VAL B 123 14.72 12.79 -9.30
CA VAL B 123 15.25 12.76 -7.94
C VAL B 123 16.05 11.50 -7.59
N SER B 124 17.30 11.69 -7.18
CA SER B 124 18.17 10.57 -6.81
C SER B 124 19.41 11.10 -6.11
N LYS B 125 19.71 10.56 -4.92
CA LYS B 125 20.88 11.01 -4.16
C LYS B 125 22.16 10.79 -4.96
N SER B 126 22.44 9.53 -5.27
CA SER B 126 23.65 9.19 -6.03
C SER B 126 23.54 9.70 -7.46
N GLY B 127 22.31 9.80 -7.95
CA GLY B 127 22.08 10.25 -9.30
C GLY B 127 22.24 9.16 -10.34
N SER B 128 22.49 7.93 -9.90
CA SER B 128 22.66 6.82 -10.85
C SER B 128 21.66 5.67 -10.68
N THR B 129 20.65 5.87 -9.82
CA THR B 129 19.65 4.83 -9.60
C THR B 129 19.08 4.43 -10.97
N ALA B 130 19.28 3.16 -11.32
CA ALA B 130 18.86 2.62 -12.60
C ALA B 130 17.45 2.97 -13.06
N GLU B 131 16.46 2.71 -12.23
CA GLU B 131 15.07 2.98 -12.60
C GLU B 131 14.85 4.45 -12.96
N THR B 132 15.47 5.33 -12.18
CA THR B 132 15.32 6.76 -12.38
C THR B 132 16.01 7.23 -13.66
N LEU B 133 17.18 6.67 -13.96
CA LEU B 133 17.89 7.05 -15.17
C LEU B 133 17.07 6.60 -16.38
N ALA B 134 16.51 5.38 -16.30
CA ALA B 134 15.72 4.84 -17.40
C ALA B 134 14.49 5.71 -17.66
N GLY B 135 13.78 6.05 -16.59
CA GLY B 135 12.59 6.86 -16.72
C GLY B 135 12.92 8.25 -17.24
N LEU B 136 14.03 8.79 -16.77
CA LEU B 136 14.44 10.13 -17.21
C LEU B 136 14.71 10.14 -18.71
N ALA B 137 15.47 9.16 -19.19
CA ALA B 137 15.81 9.06 -20.60
C ALA B 137 14.55 9.07 -21.45
N VAL B 138 13.54 8.33 -21.02
CA VAL B 138 12.28 8.28 -21.75
C VAL B 138 11.58 9.63 -21.76
N PHE B 139 11.51 10.29 -20.61
CA PHE B 139 10.85 11.59 -20.55
C PHE B 139 11.62 12.70 -21.24
N LEU B 140 12.94 12.55 -21.32
CA LEU B 140 13.79 13.54 -21.99
C LEU B 140 13.48 13.55 -23.48
N LYS B 141 13.46 12.37 -24.10
CA LYS B 141 13.16 12.25 -25.51
C LYS B 141 11.80 12.91 -25.78
N TRP B 142 10.84 12.61 -24.92
CA TRP B 142 9.48 13.14 -25.02
C TRP B 142 9.51 14.66 -24.98
N LEU B 143 10.17 15.21 -23.97
CA LEU B 143 10.27 16.66 -23.81
C LEU B 143 10.90 17.33 -25.02
N LYS B 144 12.06 16.83 -25.45
CA LYS B 144 12.74 17.43 -26.59
C LYS B 144 11.90 17.32 -27.86
N ALA B 145 11.21 16.19 -28.02
CA ALA B 145 10.36 15.97 -29.19
C ALA B 145 9.21 16.96 -29.30
N HIS B 146 8.63 17.33 -28.16
CA HIS B 146 7.50 18.25 -28.14
C HIS B 146 7.82 19.72 -27.88
N LEU B 147 8.89 19.98 -27.13
CA LEU B 147 9.24 21.35 -26.79
C LEU B 147 10.50 21.90 -27.48
N GLY B 148 11.17 21.06 -28.24
CA GLY B 148 12.38 21.51 -28.90
C GLY B 148 13.39 21.94 -27.85
N GLU B 149 14.11 23.03 -28.09
CA GLU B 149 15.12 23.50 -27.14
C GLU B 149 14.54 24.11 -25.85
N ASP B 150 13.22 24.25 -25.78
CA ASP B 150 12.59 24.80 -24.57
C ASP B 150 12.38 23.73 -23.51
N TRP B 151 12.98 22.56 -23.71
CA TRP B 151 12.81 21.45 -22.76
C TRP B 151 13.44 21.64 -21.38
N ARG B 152 14.61 22.28 -21.34
CA ARG B 152 15.35 22.50 -20.10
C ARG B 152 14.55 23.14 -18.96
N ARG B 153 13.64 24.05 -19.30
CA ARG B 153 12.84 24.71 -18.27
C ARG B 153 11.87 23.72 -17.63
N HIS B 154 11.65 22.60 -18.32
CA HIS B 154 10.73 21.56 -17.87
C HIS B 154 11.38 20.39 -17.11
N LEU B 155 12.65 20.54 -16.77
CA LEU B 155 13.36 19.50 -16.05
C LEU B 155 14.18 20.09 -14.91
N VAL B 156 13.84 19.67 -13.69
CA VAL B 156 14.55 20.12 -12.50
C VAL B 156 15.11 18.88 -11.81
N VAL B 157 16.34 18.97 -11.34
CA VAL B 157 17.00 17.85 -10.68
C VAL B 157 17.21 18.05 -9.18
N THR B 158 17.08 16.96 -8.43
CA THR B 158 17.29 16.97 -6.98
C THR B 158 18.28 15.84 -6.73
N THR B 159 19.51 16.18 -6.38
CA THR B 159 20.53 15.16 -6.20
C THR B 159 21.72 15.69 -5.38
N ASP B 160 22.74 14.86 -5.20
CA ASP B 160 23.93 15.28 -4.44
C ASP B 160 24.45 16.60 -5.02
N PRO B 161 24.90 17.53 -4.17
CA PRO B 161 25.40 18.82 -4.64
C PRO B 161 26.62 18.78 -5.58
N LYS B 162 27.40 17.70 -5.52
CA LYS B 162 28.59 17.61 -6.37
C LYS B 162 28.80 16.30 -7.14
N GLU B 163 28.48 15.17 -6.53
CA GLU B 163 28.69 13.88 -7.18
C GLU B 163 27.51 13.28 -7.93
N GLY B 164 27.82 12.42 -8.90
CA GLY B 164 26.78 11.75 -9.65
C GLY B 164 26.46 12.29 -11.03
N PRO B 165 25.98 11.42 -11.93
CA PRO B 165 25.62 11.81 -13.30
C PRO B 165 24.48 12.82 -13.45
N LEU B 166 23.56 12.87 -12.48
CA LEU B 166 22.46 13.84 -12.57
C LEU B 166 22.98 15.26 -12.30
N ARG B 167 23.84 15.39 -11.29
CA ARG B 167 24.42 16.68 -10.97
C ARG B 167 25.17 17.18 -12.21
N ALA B 168 25.99 16.30 -12.79
CA ALA B 168 26.76 16.65 -13.98
C ALA B 168 25.87 17.03 -15.16
N PHE B 169 24.77 16.31 -15.32
CA PHE B 169 23.85 16.59 -16.42
C PHE B 169 23.21 17.97 -16.22
N ALA B 170 22.83 18.25 -14.98
CA ALA B 170 22.22 19.53 -14.65
C ALA B 170 23.17 20.69 -14.96
N GLU B 171 24.44 20.53 -14.59
CA GLU B 171 25.44 21.55 -14.81
C GLU B 171 25.70 21.73 -16.30
N ARG B 172 25.74 20.61 -17.02
CA ARG B 172 25.99 20.61 -18.46
C ARG B 172 24.90 21.31 -19.26
N GLU B 173 23.65 21.11 -18.87
CA GLU B 173 22.52 21.70 -19.57
C GLU B 173 21.97 22.98 -18.96
N GLY B 174 22.58 23.43 -17.87
CA GLY B 174 22.13 24.64 -17.21
C GLY B 174 20.74 24.47 -16.61
N LEU B 175 20.48 23.29 -16.04
CA LEU B 175 19.18 22.99 -15.43
C LEU B 175 19.10 23.41 -13.98
N LYS B 176 17.90 23.79 -13.52
CA LYS B 176 17.71 24.15 -12.12
C LYS B 176 17.92 22.88 -11.32
N ALA B 177 18.68 22.97 -10.23
CA ALA B 177 18.95 21.81 -9.40
C ALA B 177 18.90 22.13 -7.91
N PHE B 178 18.42 21.17 -7.14
CA PHE B 178 18.34 21.31 -5.68
C PHE B 178 19.23 20.24 -5.08
N ALA B 179 19.72 20.47 -3.89
CA ALA B 179 20.63 19.51 -3.30
C ALA B 179 20.12 18.65 -2.17
N ILE B 180 20.58 17.40 -2.18
CA ILE B 180 20.28 16.45 -1.14
C ILE B 180 21.63 16.45 -0.42
N PRO B 181 21.68 17.00 0.81
CA PRO B 181 22.92 17.04 1.56
C PRO B 181 23.69 15.73 1.60
N LYS B 182 25.02 15.83 1.47
CA LYS B 182 25.89 14.67 1.48
C LYS B 182 25.60 13.73 2.65
N GLU B 183 25.41 14.31 3.84
CA GLU B 183 25.16 13.53 5.05
C GLU B 183 23.71 13.11 5.28
N VAL B 184 22.89 13.23 4.24
CA VAL B 184 21.49 12.86 4.34
C VAL B 184 21.21 11.66 3.42
N GLY B 185 20.92 10.51 4.01
CA GLY B 185 20.62 9.34 3.21
C GLY B 185 19.23 9.43 2.61
N GLY B 186 19.05 8.85 1.42
CA GLY B 186 17.74 8.89 0.77
C GLY B 186 16.57 8.54 1.69
N ARG B 187 16.78 7.51 2.48
CA ARG B 187 15.80 7.01 3.42
C ARG B 187 15.38 8.09 4.44
N PHE B 188 16.29 9.01 4.77
CA PHE B 188 16.03 10.08 5.74
C PHE B 188 15.95 11.46 5.07
N SER B 189 15.66 11.48 3.77
CA SER B 189 15.64 12.73 3.01
C SER B 189 14.30 13.41 2.76
N ALA B 190 13.22 12.85 3.31
CA ALA B 190 11.89 13.41 3.10
C ALA B 190 11.76 14.91 3.33
N LEU B 191 12.43 15.44 4.37
CA LEU B 191 12.32 16.86 4.67
C LEU B 191 13.33 17.76 3.97
N SER B 192 14.09 17.20 3.03
CA SER B 192 15.05 17.96 2.26
C SER B 192 14.27 18.35 0.99
N PRO B 193 14.92 18.96 -0.02
CA PRO B 193 14.17 19.33 -1.22
C PRO B 193 13.44 18.14 -1.85
N VAL B 194 13.87 16.92 -1.53
CA VAL B 194 13.21 15.73 -2.05
C VAL B 194 11.71 15.88 -1.79
N GLY B 195 11.37 16.24 -0.56
CA GLY B 195 9.98 16.42 -0.21
C GLY B 195 9.51 17.86 -0.35
N LEU B 196 10.40 18.82 -0.10
CA LEU B 196 10.06 20.23 -0.17
C LEU B 196 9.67 20.73 -1.56
N LEU B 197 10.39 20.32 -2.60
CA LEU B 197 10.06 20.77 -3.95
C LEU B 197 8.65 20.38 -4.40
N PRO B 198 8.32 19.08 -4.39
CA PRO B 198 6.95 18.74 -4.81
C PRO B 198 5.90 19.34 -3.87
N LEU B 199 6.20 19.41 -2.58
CA LEU B 199 5.24 19.99 -1.63
C LEU B 199 5.00 21.46 -1.92
N ALA B 200 6.02 22.15 -2.42
CA ALA B 200 5.89 23.57 -2.73
C ALA B 200 4.89 23.72 -3.87
N PHE B 201 5.01 22.85 -4.88
CA PHE B 201 4.10 22.89 -6.01
C PHE B 201 2.71 22.42 -5.60
N ALA B 202 2.66 21.62 -4.53
CA ALA B 202 1.40 21.11 -4.01
C ALA B 202 0.76 22.22 -3.18
N GLY B 203 1.49 23.31 -2.98
CA GLY B 203 0.99 24.44 -2.21
C GLY B 203 0.83 24.20 -0.72
N ALA B 204 1.62 23.31 -0.14
CA ALA B 204 1.54 23.01 1.29
C ALA B 204 2.34 24.00 2.14
N ASP B 205 2.03 24.04 3.43
CA ASP B 205 2.72 24.95 4.35
C ASP B 205 4.07 24.36 4.75
N LEU B 206 5.11 24.65 3.96
CA LEU B 206 6.45 24.13 4.23
C LEU B 206 7.01 24.61 5.58
N ASP B 207 6.68 25.84 5.96
CA ASP B 207 7.17 26.38 7.22
C ASP B 207 6.63 25.58 8.40
N ALA B 208 5.33 25.28 8.38
CA ALA B 208 4.70 24.50 9.44
C ALA B 208 5.30 23.10 9.52
N LEU B 209 5.55 22.50 8.36
CA LEU B 209 6.14 21.17 8.32
C LEU B 209 7.47 21.15 9.09
N LEU B 210 8.37 22.07 8.76
CA LEU B 210 9.66 22.12 9.44
C LEU B 210 9.53 22.52 10.90
N MET B 211 8.53 23.33 11.24
CA MET B 211 8.32 23.72 12.63
C MET B 211 8.06 22.43 13.42
N GLY B 212 7.19 21.57 12.88
CA GLY B 212 6.88 20.32 13.54
C GLY B 212 8.12 19.46 13.73
N ALA B 213 8.94 19.38 12.69
CA ALA B 213 10.16 18.59 12.74
C ALA B 213 11.14 19.13 13.79
N ARG B 214 11.19 20.46 13.94
CA ARG B 214 12.10 21.05 14.93
C ARG B 214 11.63 20.69 16.34
N LYS B 215 10.31 20.58 16.53
CA LYS B 215 9.76 20.23 17.83
C LYS B 215 10.18 18.80 18.19
N ALA B 216 10.16 17.92 17.19
CA ALA B 216 10.55 16.53 17.38
C ALA B 216 12.02 16.52 17.82
N ASN B 217 12.83 17.37 17.17
CA ASN B 217 14.24 17.48 17.52
C ASN B 217 14.38 17.82 18.99
N GLU B 218 13.53 18.72 19.49
CA GLU B 218 13.56 19.10 20.90
C GLU B 218 13.30 17.89 21.79
N THR B 219 12.29 17.10 21.45
CA THR B 219 11.96 15.93 22.26
C THR B 219 13.08 14.88 22.25
N ALA B 220 13.84 14.84 21.16
CA ALA B 220 14.93 13.89 21.05
C ALA B 220 16.09 14.19 22.00
N LEU B 221 16.26 15.45 22.35
CA LEU B 221 17.36 15.86 23.23
C LEU B 221 16.87 16.23 24.63
N ALA B 222 15.58 16.03 24.87
CA ALA B 222 14.98 16.36 26.15
C ALA B 222 15.21 15.29 27.22
N PRO B 223 14.95 15.64 28.49
CA PRO B 223 15.12 14.69 29.58
C PRO B 223 14.28 13.46 29.26
N LEU B 224 14.78 12.28 29.62
CA LEU B 224 14.09 11.02 29.35
C LEU B 224 12.56 11.05 29.42
N GLU B 225 12.02 11.56 30.53
CA GLU B 225 10.59 11.62 30.74
C GLU B 225 9.81 12.42 29.70
N GLU B 226 10.49 13.24 28.91
CA GLU B 226 9.83 14.03 27.88
C GLU B 226 10.33 13.65 26.49
N SER B 227 11.20 12.65 26.42
CA SER B 227 11.76 12.23 25.14
C SER B 227 10.92 11.16 24.46
N LEU B 228 9.83 11.58 23.82
CA LEU B 228 8.94 10.66 23.14
C LEU B 228 9.68 9.67 22.24
N PRO B 229 10.63 10.15 21.42
CA PRO B 229 11.38 9.25 20.53
C PRO B 229 12.11 8.14 21.28
N LEU B 230 12.66 8.45 22.46
CA LEU B 230 13.35 7.43 23.24
C LEU B 230 12.33 6.46 23.85
N LYS B 231 11.16 6.97 24.20
CA LYS B 231 10.12 6.14 24.78
C LYS B 231 9.62 5.09 23.78
N THR B 232 9.33 5.50 22.55
CA THR B 232 8.85 4.56 21.55
C THR B 232 9.97 3.62 21.10
N ALA B 233 11.21 4.11 21.11
CA ALA B 233 12.33 3.26 20.73
C ALA B 233 12.35 2.11 21.75
N LEU B 234 12.15 2.45 23.02
CA LEU B 234 12.12 1.45 24.08
C LEU B 234 10.98 0.46 23.87
N LEU B 235 9.81 0.96 23.50
CA LEU B 235 8.65 0.10 23.26
C LEU B 235 9.00 -0.98 22.23
N LEU B 236 9.62 -0.59 21.13
CA LEU B 236 10.01 -1.55 20.09
C LEU B 236 11.11 -2.48 20.59
N HIS B 237 12.05 -1.92 21.35
CA HIS B 237 13.16 -2.69 21.88
C HIS B 237 12.67 -3.78 22.83
N LEU B 238 11.77 -3.40 23.72
CA LEU B 238 11.22 -4.34 24.69
C LEU B 238 10.41 -5.45 24.01
N HIS B 239 9.99 -5.21 22.77
CA HIS B 239 9.21 -6.22 22.05
C HIS B 239 9.98 -6.73 20.84
N ARG B 240 11.29 -6.56 20.88
CA ARG B 240 12.13 -7.00 19.77
C ARG B 240 12.02 -8.51 19.54
N HIS B 241 11.45 -9.22 20.50
CA HIS B 241 11.28 -10.66 20.38
C HIS B 241 10.05 -11.02 19.55
N LEU B 242 9.21 -10.02 19.26
CA LEU B 242 8.02 -10.22 18.43
C LEU B 242 8.47 -9.81 17.02
N PRO B 243 8.42 -10.75 16.07
CA PRO B 243 8.82 -10.60 14.66
C PRO B 243 8.13 -9.53 13.82
N VAL B 244 6.92 -9.13 14.20
CA VAL B 244 6.19 -8.14 13.42
C VAL B 244 5.81 -6.88 14.19
N HIS B 245 5.96 -5.73 13.52
CA HIS B 245 5.60 -4.44 14.09
C HIS B 245 4.63 -3.79 13.10
N VAL B 246 3.38 -3.62 13.53
CA VAL B 246 2.35 -3.03 12.66
C VAL B 246 2.22 -1.53 12.87
N PHE B 247 2.25 -0.79 11.77
CA PHE B 247 2.12 0.67 11.82
C PHE B 247 0.79 0.95 11.13
N MET B 248 -0.22 1.29 11.93
CA MET B 248 -1.56 1.55 11.43
C MET B 248 -1.99 3.00 11.62
N VAL B 249 -2.25 3.69 10.52
CA VAL B 249 -2.66 5.09 10.55
C VAL B 249 -4.15 5.27 10.25
N TYR B 250 -4.85 6.00 11.11
CA TYR B 250 -6.27 6.25 10.91
C TYR B 250 -6.53 7.55 10.17
N SER B 251 -6.21 7.53 8.88
CA SER B 251 -6.39 8.68 7.99
C SER B 251 -6.21 8.24 6.55
N GLU B 252 -6.97 8.85 5.64
CA GLU B 252 -6.84 8.53 4.21
C GLU B 252 -5.83 9.52 3.60
N ARG B 253 -5.84 10.75 4.10
CA ARG B 253 -4.91 11.77 3.63
C ARG B 253 -3.49 11.25 3.84
N LEU B 254 -3.29 10.52 4.93
CA LEU B 254 -1.97 9.96 5.26
C LEU B 254 -1.83 8.51 4.78
N SER B 255 -2.62 8.13 3.78
CA SER B 255 -2.60 6.76 3.26
C SER B 255 -1.23 6.25 2.81
N HIS B 256 -0.32 7.17 2.46
CA HIS B 256 1.00 6.76 2.01
C HIS B 256 2.07 6.83 3.08
N LEU B 257 1.70 7.26 4.29
CA LEU B 257 2.69 7.36 5.36
C LEU B 257 3.19 5.99 5.81
N PRO B 258 2.30 4.98 5.93
CA PRO B 258 2.77 3.66 6.35
C PRO B 258 3.91 3.11 5.51
N SER B 259 3.79 3.24 4.19
CA SER B 259 4.83 2.76 3.28
C SER B 259 6.16 3.45 3.55
N TRP B 260 6.10 4.75 3.80
CA TRP B 260 7.31 5.51 4.09
C TRP B 260 7.95 4.94 5.35
N PHE B 261 7.15 4.72 6.39
CA PHE B 261 7.71 4.18 7.63
C PHE B 261 8.28 2.77 7.46
N VAL B 262 7.61 1.95 6.66
CA VAL B 262 8.08 0.59 6.42
C VAL B 262 9.49 0.63 5.86
N GLN B 263 9.76 1.52 4.91
CA GLN B 263 11.09 1.64 4.34
C GLN B 263 12.07 2.11 5.41
N LEU B 264 11.66 3.13 6.16
CA LEU B 264 12.51 3.68 7.21
C LEU B 264 12.96 2.58 8.18
N HIS B 265 11.98 1.86 8.71
CA HIS B 265 12.22 0.80 9.67
C HIS B 265 12.96 -0.42 9.11
N ASP B 266 12.43 -0.99 8.02
CA ASP B 266 13.01 -2.16 7.36
C ASP B 266 14.44 -1.96 6.88
N GLU B 267 14.65 -0.94 6.05
CA GLU B 267 15.96 -0.68 5.49
C GLU B 267 17.00 -0.21 6.52
N SER B 268 16.54 0.48 7.56
CA SER B 268 17.45 0.95 8.58
C SER B 268 17.89 -0.14 9.56
N LEU B 269 16.92 -0.89 10.08
CA LEU B 269 17.21 -1.91 11.08
C LEU B 269 17.35 -3.37 10.64
N GLY B 270 16.96 -3.69 9.42
CA GLY B 270 17.10 -5.06 8.94
C GLY B 270 18.57 -5.19 8.58
N LYS B 271 19.39 -5.50 9.58
CA LYS B 271 20.84 -5.60 9.38
C LYS B 271 21.49 -6.68 10.23
N VAL B 272 22.78 -6.88 9.98
CA VAL B 272 23.60 -7.83 10.74
C VAL B 272 24.24 -6.97 11.83
N ASP B 273 24.07 -7.32 13.09
CA ASP B 273 24.64 -6.52 14.17
C ASP B 273 26.12 -6.75 14.42
N ARG B 274 26.66 -5.98 15.35
CA ARG B 274 28.07 -6.05 15.71
C ARG B 274 28.49 -7.45 16.10
N GLN B 275 27.50 -8.24 16.46
CA GLN B 275 27.73 -9.61 16.88
C GLN B 275 27.56 -10.60 15.74
N GLY B 276 27.36 -10.12 14.50
CA GLY B 276 27.19 -11.02 13.36
C GLY B 276 25.85 -11.71 13.29
N GLN B 277 24.86 -11.21 14.03
CA GLN B 277 23.53 -11.82 14.03
C GLN B 277 22.53 -11.01 13.19
N ARG B 278 21.74 -11.73 12.38
CA ARG B 278 20.72 -11.11 11.54
C ARG B 278 19.63 -10.57 12.44
N VAL B 279 19.44 -9.24 12.45
CA VAL B 279 18.40 -8.67 13.29
C VAL B 279 17.44 -7.77 12.54
N GLY B 280 16.41 -7.33 13.24
CA GLY B 280 15.41 -6.46 12.66
C GLY B 280 14.04 -7.10 12.64
N THR B 281 13.02 -6.30 12.91
CA THR B 281 11.65 -6.79 12.90
C THR B 281 10.99 -6.39 11.57
N THR B 282 9.89 -7.04 11.24
CA THR B 282 9.19 -6.75 10.00
C THR B 282 8.07 -5.73 10.18
N ALA B 283 8.21 -4.56 9.55
CA ALA B 283 7.20 -3.52 9.64
C ALA B 283 6.07 -3.85 8.65
N VAL B 284 4.84 -3.75 9.13
CA VAL B 284 3.66 -4.06 8.31
C VAL B 284 2.74 -2.84 8.26
N PRO B 285 2.45 -2.35 7.04
CA PRO B 285 1.59 -1.18 6.85
C PRO B 285 0.10 -1.45 6.97
N ALA B 286 -0.60 -0.52 7.60
CA ALA B 286 -2.05 -0.65 7.76
C ALA B 286 -2.70 0.73 7.85
N LEU B 287 -3.97 0.79 7.44
CA LEU B 287 -4.73 2.03 7.46
C LEU B 287 -6.07 1.76 8.14
N GLY B 288 -6.54 2.73 8.90
CA GLY B 288 -7.81 2.58 9.58
C GLY B 288 -8.82 3.58 9.03
N PRO B 289 -10.10 3.21 8.95
CA PRO B 289 -10.65 1.91 9.35
C PRO B 289 -10.59 0.78 8.31
N LYS B 290 -10.19 1.07 7.08
CA LYS B 290 -10.20 0.03 6.05
C LYS B 290 -9.55 -1.30 6.42
N ASP B 291 -8.47 -1.28 7.21
CA ASP B 291 -7.82 -2.53 7.57
C ASP B 291 -8.50 -3.30 8.69
N GLN B 292 -9.62 -2.77 9.17
CA GLN B 292 -10.41 -3.46 10.17
C GLN B 292 -11.14 -4.50 9.33
N HIS B 293 -11.11 -4.28 8.02
CA HIS B 293 -11.74 -5.16 7.05
C HIS B 293 -10.70 -5.86 6.18
N ALA B 294 -9.56 -6.23 6.76
CA ALA B 294 -8.54 -6.94 5.99
C ALA B 294 -7.48 -7.59 6.87
N GLN B 295 -6.90 -6.84 7.80
CA GLN B 295 -5.85 -7.39 8.64
C GLN B 295 -6.20 -7.57 10.12
N VAL B 296 -7.15 -6.79 10.62
CA VAL B 296 -7.52 -6.90 12.03
C VAL B 296 -7.98 -8.30 12.44
N GLN B 297 -8.66 -9.00 11.53
CA GLN B 297 -9.10 -10.36 11.84
C GLN B 297 -7.91 -11.19 12.31
N LEU B 298 -6.79 -11.07 11.59
CA LEU B 298 -5.56 -11.78 11.93
C LEU B 298 -4.96 -11.29 13.25
N PHE B 299 -5.00 -9.98 13.47
CA PHE B 299 -4.45 -9.40 14.70
C PHE B 299 -5.26 -9.89 15.90
N ARG B 300 -6.56 -10.08 15.69
CA ARG B 300 -7.46 -10.51 16.75
C ARG B 300 -7.44 -11.99 17.10
N GLU B 301 -7.39 -12.87 16.10
CA GLU B 301 -7.42 -14.30 16.38
C GLU B 301 -6.17 -15.06 15.97
N GLY B 302 -5.26 -14.38 15.30
CA GLY B 302 -4.03 -15.01 14.87
C GLY B 302 -3.01 -14.97 15.99
N PRO B 303 -1.77 -15.42 15.75
CA PRO B 303 -0.68 -15.46 16.73
C PRO B 303 -0.40 -14.13 17.44
N LEU B 304 0.08 -14.22 18.67
CA LEU B 304 0.43 -13.04 19.45
C LEU B 304 1.91 -12.79 19.20
N ASP B 305 2.22 -12.34 17.98
CA ASP B 305 3.59 -12.08 17.58
C ASP B 305 3.76 -10.66 17.02
N LYS B 306 2.93 -9.74 17.48
CA LYS B 306 2.98 -8.38 16.97
C LYS B 306 2.97 -7.27 18.02
N LEU B 307 3.60 -6.16 17.65
CA LEU B 307 3.63 -4.95 18.46
C LEU B 307 2.98 -3.96 17.51
N LEU B 308 1.78 -3.50 17.85
CA LEU B 308 1.05 -2.57 16.99
C LEU B 308 1.01 -1.12 17.44
N ALA B 309 1.34 -0.23 16.52
CA ALA B 309 1.30 1.20 16.78
C ALA B 309 0.16 1.78 15.93
N LEU B 310 -0.76 2.48 16.58
CA LEU B 310 -1.87 3.11 15.89
C LEU B 310 -1.73 4.63 15.94
N VAL B 311 -1.75 5.26 14.78
CA VAL B 311 -1.64 6.72 14.72
C VAL B 311 -3.06 7.26 14.56
N ILE B 312 -3.53 7.96 15.59
CA ILE B 312 -4.89 8.48 15.62
C ILE B 312 -5.02 10.00 15.73
N PRO B 313 -5.76 10.63 14.79
CA PRO B 313 -5.94 12.08 14.83
C PRO B 313 -7.03 12.37 15.86
N GLU B 314 -6.97 13.53 16.50
CA GLU B 314 -7.98 13.87 17.50
C GLU B 314 -9.00 14.89 17.02
N ALA B 315 -8.75 15.49 15.86
CA ALA B 315 -9.69 16.47 15.34
C ALA B 315 -9.55 16.59 13.83
N PRO B 316 -10.64 16.98 13.15
CA PRO B 316 -10.63 17.13 11.69
C PRO B 316 -10.32 18.59 11.37
N LEU B 317 -9.96 18.87 10.11
CA LEU B 317 -9.69 20.23 9.69
C LEU B 317 -11.04 20.80 9.25
N GLU B 318 -11.88 19.95 8.68
CA GLU B 318 -13.21 20.34 8.22
C GLU B 318 -14.10 19.11 8.19
N ASP B 319 -14.97 19.00 9.20
CA ASP B 319 -15.87 17.88 9.34
C ASP B 319 -17.07 17.90 8.41
N VAL B 320 -17.78 16.77 8.39
CA VAL B 320 -18.98 16.59 7.57
C VAL B 320 -20.00 15.89 8.44
N GLU B 321 -21.21 16.45 8.53
CA GLU B 321 -22.26 15.81 9.32
C GLU B 321 -22.92 14.74 8.46
N ILE B 322 -23.15 13.58 9.05
CA ILE B 322 -23.82 12.48 8.34
C ILE B 322 -25.30 12.84 8.31
N PRO B 323 -25.85 13.16 7.13
CA PRO B 323 -27.26 13.52 6.98
C PRO B 323 -28.22 12.33 7.05
N GLU B 324 -29.46 12.60 7.40
CA GLU B 324 -30.45 11.53 7.48
C GLU B 324 -30.87 11.07 6.09
N VAL B 325 -31.20 9.78 6.03
CA VAL B 325 -31.65 9.21 4.78
C VAL B 325 -33.03 8.61 4.92
N GLU B 326 -34.00 9.19 4.18
CA GLU B 326 -35.35 8.66 4.19
C GLU B 326 -35.40 7.28 3.53
N GLY B 327 -35.92 6.29 4.27
CA GLY B 327 -36.04 4.95 3.71
C GLY B 327 -34.85 4.06 4.08
N LEU B 328 -33.91 4.63 4.85
CA LEU B 328 -32.76 3.84 5.30
C LEU B 328 -32.58 3.93 6.82
N GLU B 329 -33.62 3.51 7.54
CA GLU B 329 -33.64 3.58 9.00
C GLU B 329 -32.55 2.76 9.67
N ALA B 330 -32.04 1.75 8.99
CA ALA B 330 -31.00 0.92 9.57
C ALA B 330 -29.73 1.72 9.85
N ALA B 331 -29.65 2.92 9.26
CA ALA B 331 -28.49 3.77 9.45
C ALA B 331 -28.75 4.98 10.36
N SER B 332 -29.92 5.02 10.97
CA SER B 332 -30.27 6.14 11.84
C SER B 332 -29.28 6.40 12.98
N TYR B 333 -28.62 5.36 13.50
CA TYR B 333 -27.66 5.56 14.58
C TYR B 333 -26.48 6.44 14.14
N LEU B 334 -26.35 6.63 12.82
CA LEU B 334 -25.28 7.44 12.26
C LEU B 334 -25.72 8.87 12.01
N PHE B 335 -27.02 9.06 11.76
CA PHE B 335 -27.55 10.39 11.47
C PHE B 335 -27.26 11.35 12.62
N GLY B 336 -26.81 12.56 12.28
CA GLY B 336 -26.50 13.55 13.30
C GLY B 336 -25.05 13.53 13.70
N LYS B 337 -24.41 12.37 13.58
CA LYS B 337 -23.00 12.24 13.93
C LYS B 337 -22.17 12.73 12.74
N THR B 338 -20.88 12.96 12.96
CA THR B 338 -20.03 13.42 11.87
C THR B 338 -19.10 12.31 11.42
N LEU B 339 -18.53 12.48 10.23
CA LEU B 339 -17.60 11.50 9.69
C LEU B 339 -16.38 11.35 10.58
N PHE B 340 -15.84 12.47 11.06
CA PHE B 340 -14.66 12.37 11.90
C PHE B 340 -15.03 11.68 13.21
N GLN B 341 -16.24 11.93 13.69
CA GLN B 341 -16.69 11.29 14.92
C GLN B 341 -16.69 9.77 14.71
N LEU B 342 -17.12 9.32 13.54
CA LEU B 342 -17.15 7.89 13.22
C LEU B 342 -15.71 7.39 13.11
N LEU B 343 -14.86 8.18 12.45
CA LEU B 343 -13.47 7.82 12.28
C LEU B 343 -12.83 7.56 13.65
N LYS B 344 -12.93 8.56 14.53
CA LYS B 344 -12.36 8.49 15.87
C LYS B 344 -12.91 7.33 16.71
N ALA B 345 -14.21 7.09 16.62
CA ALA B 345 -14.84 6.01 17.37
C ALA B 345 -14.24 4.68 16.93
N GLU B 346 -14.13 4.47 15.62
CA GLU B 346 -13.57 3.24 15.09
C GLU B 346 -12.11 3.05 15.51
N ALA B 347 -11.34 4.14 15.51
CA ALA B 347 -9.95 4.08 15.91
C ALA B 347 -9.84 3.63 17.37
N GLU B 348 -10.63 4.26 18.23
CA GLU B 348 -10.64 3.94 19.66
C GLU B 348 -11.14 2.52 19.87
N ALA B 349 -12.16 2.14 19.12
CA ALA B 349 -12.74 0.80 19.21
C ALA B 349 -11.74 -0.28 18.84
N THR B 350 -11.00 -0.07 17.75
CA THR B 350 -10.02 -1.06 17.31
C THR B 350 -8.85 -1.12 18.26
N TYR B 351 -8.42 0.04 18.75
CA TYR B 351 -7.31 0.13 19.70
C TYR B 351 -7.63 -0.78 20.87
N GLU B 352 -8.84 -0.65 21.41
CA GLU B 352 -9.27 -1.46 22.55
C GLU B 352 -9.38 -2.94 22.15
N ALA B 353 -10.02 -3.20 21.02
CA ALA B 353 -10.22 -4.56 20.54
C ALA B 353 -8.90 -5.30 20.39
N LEU B 354 -7.87 -4.61 19.94
CA LEU B 354 -6.56 -5.22 19.74
C LEU B 354 -5.97 -5.62 21.09
N ALA B 355 -6.14 -4.75 22.08
CA ALA B 355 -5.64 -5.02 23.42
C ALA B 355 -6.43 -6.17 24.06
N GLU B 356 -7.75 -6.15 23.86
CA GLU B 356 -8.62 -7.19 24.40
C GLU B 356 -8.21 -8.57 23.89
N ALA B 357 -7.68 -8.62 22.66
CA ALA B 357 -7.25 -9.88 22.07
C ALA B 357 -5.89 -10.34 22.59
N GLY B 358 -5.27 -9.52 23.44
CA GLY B 358 -3.98 -9.89 24.00
C GLY B 358 -2.75 -9.33 23.28
N GLN B 359 -2.96 -8.62 22.18
CA GLN B 359 -1.84 -8.06 21.44
C GLN B 359 -1.24 -6.87 22.19
N ARG B 360 0.04 -6.63 21.97
CA ARG B 360 0.74 -5.51 22.59
C ARG B 360 0.50 -4.32 21.68
N VAL B 361 -0.23 -3.32 22.16
CA VAL B 361 -0.55 -2.16 21.33
C VAL B 361 -0.51 -0.83 22.06
N TYR B 362 -0.06 0.21 21.36
CA TYR B 362 -0.01 1.56 21.91
C TYR B 362 -0.47 2.52 20.82
N ALA B 363 -0.64 3.78 21.17
CA ALA B 363 -1.09 4.75 20.20
C ALA B 363 -0.35 6.07 20.26
N LEU B 364 -0.22 6.69 19.10
CA LEU B 364 0.40 8.00 18.96
C LEU B 364 -0.74 8.88 18.45
N PHE B 365 -1.15 9.83 19.28
CA PHE B 365 -2.23 10.73 18.91
C PHE B 365 -1.70 12.03 18.31
N LEU B 366 -2.31 12.43 17.21
CA LEU B 366 -1.96 13.67 16.51
C LEU B 366 -3.13 14.62 16.74
N PRO B 367 -2.85 15.88 17.10
CA PRO B 367 -3.95 16.82 17.31
C PRO B 367 -4.85 16.90 16.07
N GLU B 368 -4.24 16.76 14.91
CA GLU B 368 -4.95 16.78 13.64
C GLU B 368 -3.95 16.47 12.53
N VAL B 369 -4.46 16.14 11.35
CA VAL B 369 -3.58 15.86 10.22
C VAL B 369 -3.20 17.20 9.57
N SER B 370 -2.06 17.72 10.01
CA SER B 370 -1.54 18.99 9.51
C SER B 370 -0.03 18.90 9.31
N PRO B 371 0.53 19.79 8.49
CA PRO B 371 1.97 19.77 8.23
C PRO B 371 2.77 19.75 9.54
N TYR B 372 2.32 20.53 10.51
CA TYR B 372 3.00 20.60 11.80
C TYR B 372 3.03 19.26 12.52
N ALA B 373 1.87 18.62 12.67
CA ALA B 373 1.81 17.34 13.37
C ALA B 373 2.51 16.23 12.60
N VAL B 374 2.39 16.23 11.28
CA VAL B 374 3.03 15.18 10.49
C VAL B 374 4.54 15.35 10.44
N GLY B 375 5.01 16.58 10.33
CA GLY B 375 6.44 16.83 10.31
C GLY B 375 7.02 16.35 11.63
N TRP B 376 6.27 16.56 12.70
CA TRP B 376 6.69 16.14 14.02
C TRP B 376 6.78 14.61 14.00
N LEU B 377 5.69 13.95 13.60
CA LEU B 377 5.64 12.49 13.57
C LEU B 377 6.75 11.83 12.75
N MET B 378 6.99 12.33 11.54
CA MET B 378 8.04 11.76 10.69
C MET B 378 9.43 11.93 11.31
N GLN B 379 9.73 13.13 11.80
CA GLN B 379 11.04 13.39 12.41
C GLN B 379 11.17 12.52 13.67
N HIS B 380 10.08 12.38 14.40
CA HIS B 380 10.06 11.56 15.60
C HIS B 380 10.45 10.12 15.24
N LEU B 381 9.82 9.58 14.20
CA LEU B 381 10.09 8.22 13.77
C LEU B 381 11.52 8.05 13.28
N MET B 382 12.09 9.09 12.67
CA MET B 382 13.47 8.97 12.23
C MET B 382 14.38 8.87 13.44
N TRP B 383 14.07 9.64 14.49
CA TRP B 383 14.87 9.60 15.72
C TRP B 383 14.69 8.22 16.35
N GLN B 384 13.45 7.77 16.44
CA GLN B 384 13.13 6.46 17.00
C GLN B 384 14.03 5.40 16.37
N THR B 385 14.05 5.40 15.03
CA THR B 385 14.83 4.46 14.25
C THR B 385 16.33 4.57 14.53
N ALA B 386 16.81 5.81 14.62
CA ALA B 386 18.23 6.08 14.88
C ALA B 386 18.62 5.53 16.26
N PHE B 387 17.77 5.77 17.26
CA PHE B 387 18.06 5.28 18.60
C PHE B 387 18.07 3.75 18.61
N LEU B 388 17.13 3.14 17.90
CA LEU B 388 17.06 1.68 17.83
C LEU B 388 18.34 1.13 17.20
N GLY B 389 18.92 1.90 16.29
CA GLY B 389 20.16 1.49 15.66
C GLY B 389 21.26 1.31 16.69
N GLU B 390 21.22 2.14 17.74
CA GLU B 390 22.22 2.04 18.81
C GLU B 390 21.88 0.87 19.73
N LEU B 391 20.61 0.75 20.09
CA LEU B 391 20.13 -0.32 20.96
C LEU B 391 20.28 -1.71 20.35
N TRP B 392 20.27 -1.80 19.03
CA TRP B 392 20.39 -3.10 18.37
C TRP B 392 21.77 -3.32 17.80
N GLU B 393 22.63 -2.32 17.99
CA GLU B 393 24.01 -2.38 17.54
C GLU B 393 24.16 -2.67 16.05
N VAL B 394 23.48 -1.88 15.22
CA VAL B 394 23.57 -2.03 13.78
C VAL B 394 23.84 -0.68 13.17
N ASN B 395 24.21 -0.68 11.89
CA ASN B 395 24.44 0.56 11.17
C ASN B 395 23.07 0.88 10.58
N ALA B 396 22.36 1.82 11.17
CA ALA B 396 21.03 2.18 10.71
C ALA B 396 20.99 3.08 9.47
N PHE B 397 22.15 3.48 8.97
CA PHE B 397 22.17 4.41 7.84
C PHE B 397 22.73 3.90 6.51
N ASP B 398 22.95 2.60 6.42
CA ASP B 398 23.46 2.03 5.17
C ASP B 398 22.43 1.04 4.64
N GLN B 399 22.78 0.33 3.57
CA GLN B 399 21.90 -0.66 2.96
C GLN B 399 22.72 -1.60 2.07
N PRO B 400 23.62 -2.39 2.69
CA PRO B 400 24.51 -3.34 2.02
C PRO B 400 23.76 -4.38 1.19
N GLY B 401 22.62 -4.82 1.71
CA GLY B 401 21.82 -5.84 1.04
C GLY B 401 21.28 -5.57 -0.35
N VAL B 402 21.18 -4.31 -0.76
CA VAL B 402 20.63 -4.01 -2.08
C VAL B 402 21.63 -4.01 -3.24
N GLU B 403 22.91 -4.14 -2.92
CA GLU B 403 23.95 -4.12 -3.96
C GLU B 403 23.90 -5.30 -4.93
N LEU B 404 23.79 -6.52 -4.42
CA LEU B 404 23.76 -7.70 -5.29
C LEU B 404 22.71 -7.62 -6.39
N GLY B 405 21.49 -7.25 -6.01
CA GLY B 405 20.44 -7.15 -7.01
C GLY B 405 20.80 -6.23 -8.16
N LYS B 406 21.51 -5.15 -7.85
CA LYS B 406 21.91 -4.19 -8.88
C LYS B 406 22.94 -4.82 -9.81
N VAL B 407 23.88 -5.56 -9.25
CA VAL B 407 24.91 -6.20 -10.05
C VAL B 407 24.29 -7.27 -10.95
N LEU B 408 23.44 -8.11 -10.37
CA LEU B 408 22.79 -9.16 -11.14
C LEU B 408 21.91 -8.56 -12.23
N THR B 409 21.27 -7.42 -11.95
CA THR B 409 20.42 -6.76 -12.94
C THR B 409 21.25 -6.34 -14.14
N ARG B 410 22.41 -5.75 -13.88
CA ARG B 410 23.30 -5.31 -14.94
C ARG B 410 23.74 -6.49 -15.79
N LYS B 411 24.04 -7.61 -15.13
CA LYS B 411 24.48 -8.82 -15.83
C LYS B 411 23.44 -9.30 -16.84
N ARG B 412 22.20 -9.45 -16.39
CA ARG B 412 21.12 -9.92 -17.24
C ARG B 412 20.78 -8.94 -18.35
N LEU B 413 21.09 -7.66 -18.13
CA LEU B 413 20.82 -6.63 -19.13
C LEU B 413 21.84 -6.68 -20.26
N ALA B 414 23.10 -6.88 -19.88
CA ALA B 414 24.22 -6.91 -20.82
C ALA B 414 24.27 -8.14 -21.73
N GLY B 415 24.12 -9.33 -21.18
CA GLY B 415 24.17 -10.56 -21.96
C GLY B 415 22.96 -11.45 -21.84
#